data_7U0D
#
_entry.id   7U0D
#
_cell.length_a   1.00
_cell.length_b   1.00
_cell.length_c   1.00
_cell.angle_alpha   90.00
_cell.angle_beta   90.00
_cell.angle_gamma   90.00
#
_symmetry.space_group_name_H-M   'P 1'
#
loop_
_entity.id
_entity.type
_entity.pdbx_description
1 polymer 'Surface glycoprotein'
2 polymer 'Heavy chain of SARS-CoV-2 antibody A19-46.1'
3 polymer 'Light chain of SARS-CoV-2 antibody A19-46.1'
4 polymer 'Heavy chain of SARS-CoV-2 antibody B1-182.1'
5 polymer 'Light chain of SARS-CoV-2 antibody B1-182.1'
6 non-polymer 2-acetamido-2-deoxy-beta-D-glucopyranose
#
loop_
_entity_poly.entity_id
_entity_poly.type
_entity_poly.pdbx_seq_one_letter_code
_entity_poly.pdbx_strand_id
1 'polypeptide(L)'
;NITNLCPFDEVFNATRFASVYAWNRKRISNCVADYSVLYNLAPFFTFKCYGVSPTKLNDLCFTNVYADSFVIRGDEVRQI
APGQTGNIADYNYKLPDDFTGCVIAWNSNKLDSKVSGNYNYLYRLFRKSNLKPFERDISTEIYQAGNKPCNGVAGFNCYF
PLRSYSFRPTYGVGHQPYRVVVLSFELLHAPATVCG
;
B
2 'polypeptide(L)'
;QVQLVESGGGVVQPGRSLRLSCAASGFTLSSYGMHWVRQAPGKGLEWVAVISYDGSNKYYVDSVKGRFTISRDNSKNTLY
LQMNSLRAEDTAVYYCARGWAYWELLPDYYYGMDVWGQGTTVTVSSASTKGPSVFPLAPSSKSTSGGTAALGCLVKDYFP
EPVTVSWNSGALTSGVHTFPAVLQSSGLYSLSSVVTVPSSSLGTQTYICNVNHKPSNTKVDKKVEPKSCDK
;
M
3 'polypeptide(L)'
;QTVVTQEPSFSVSPGGTVTLTCGLSSGSVSTAYFPSWYQQTPGQAPRTLIYGTNTRSSGVPDRFSGSILGNKAALTITGA
QADDESDYYCVLYMGRGIVVFGGGTKLTVLGQPKAAPSVTLFPPSSEELQANKATLVCLISDFYPGAVTVAWKADSSPVK
AGVETTTPSKQSNNKYAASSYLSLTPEQWKSHRSYSCQVTHEGSTVEKTVAPTECS
;
N
4 'polypeptide(L)'
;QMQLVQSGPEVKKPGTSVKVSCKASGFTFTSSAVQWVRQARGQRLEWIGWIVVGSGNTNYAQKFQERVTITRDMSTSTAY
MELSSLRSEDTAVYYCAAPYCSGGSCFDGFDIWGQGTMVTVSSASTKGPSVFPLAPSSKSTSGGTAALGCLVKDYFPEPV
TVSWNSGALTSGVHTFPAVLQSSGLYSLSSVVTVPSSSLGTQTYICNVNHKPSNTKVDKKVEPKSCDK
;
O
5 'polypeptide(L)'
;EIVLTQSPGTLSLSPGERATLSCRASQSVSSSYLAWYQQKPGQAPRLLIYGASSRATGFPDRFSGSGSGTDFTLTISRLE
PEDFAVYYCQQYGNSPWTFGQGTKVEIRRTVAAPSVFIFPPSDEQLKSGTASVVCLLNNFYPREAKVQWKVDNALQSGNS
QESVTEQDSKDSTYSLSSTLTLSKADYEKHKVYACEVTHQGLSSPVTKSFNRGEC
;
P
#
# COMPACT_ATOMS: atom_id res chain seq x y z
N ASN A 1 61.61 7.71 27.13
CA ASN A 1 62.06 9.09 27.23
C ASN A 1 60.90 10.07 27.17
N ILE A 2 60.34 10.22 25.98
CA ILE A 2 59.22 11.14 25.76
C ILE A 2 58.03 10.70 26.60
N THR A 3 57.27 11.67 27.10
CA THR A 3 56.09 11.40 27.91
C THR A 3 54.80 11.52 27.10
N ASN A 4 54.89 11.62 25.77
CA ASN A 4 53.69 11.70 24.94
C ASN A 4 53.18 10.31 24.60
N LEU A 5 51.87 10.12 24.69
CA LEU A 5 51.23 8.84 24.48
C LEU A 5 50.31 8.87 23.27
N CYS A 6 49.94 7.68 22.80
CA CYS A 6 48.99 7.56 21.69
C CYS A 6 47.58 7.85 22.17
N PRO A 7 46.86 8.77 21.54
CA PRO A 7 45.46 9.00 21.93
C PRO A 7 44.58 7.81 21.55
N PHE A 8 44.14 7.06 22.56
CA PHE A 8 43.30 5.88 22.36
C PHE A 8 41.99 5.92 23.12
N ASP A 9 41.92 6.67 24.23
CA ASP A 9 40.71 6.68 25.03
C ASP A 9 39.53 7.27 24.26
N GLU A 10 39.79 8.29 23.44
CA GLU A 10 38.71 8.91 22.67
C GLU A 10 38.04 7.90 21.74
N VAL A 11 38.77 6.87 21.30
CA VAL A 11 38.16 5.82 20.50
C VAL A 11 37.45 4.81 21.40
N PHE A 12 38.16 4.29 22.40
CA PHE A 12 37.58 3.28 23.28
C PHE A 12 36.43 3.87 24.10
N ASN A 13 36.60 5.08 24.60
CA ASN A 13 35.54 5.85 25.26
C ASN A 13 35.11 6.91 24.27
N ALA A 14 34.20 6.53 23.37
CA ALA A 14 33.76 7.41 22.29
C ALA A 14 32.36 7.95 22.59
N THR A 15 32.09 9.15 22.09
CA THR A 15 30.77 9.75 22.26
C THR A 15 29.69 8.88 21.64
N ARG A 16 29.91 8.45 20.41
CA ARG A 16 29.00 7.53 19.73
C ARG A 16 29.84 6.59 18.88
N PHE A 17 29.16 5.75 18.10
CA PHE A 17 29.85 4.69 17.38
C PHE A 17 29.55 4.76 15.89
N ALA A 18 29.97 3.75 15.14
CA ALA A 18 29.76 3.70 13.70
C ALA A 18 28.62 2.74 13.36
N SER A 19 28.31 2.64 12.08
CA SER A 19 27.25 1.76 11.60
C SER A 19 27.85 0.45 11.10
N VAL A 20 26.98 -0.54 10.90
CA VAL A 20 27.45 -1.88 10.56
C VAL A 20 28.13 -1.86 9.20
N TYR A 21 27.43 -1.40 8.16
CA TYR A 21 28.12 -1.11 6.92
C TYR A 21 28.82 0.23 7.10
N ALA A 22 29.90 0.43 6.36
CA ALA A 22 30.73 1.61 6.49
C ALA A 22 31.36 1.70 7.87
N TRP A 23 32.41 2.51 8.00
CA TRP A 23 33.12 2.63 9.25
C TRP A 23 34.05 3.83 9.18
N ASN A 24 34.44 4.31 10.35
CA ASN A 24 35.54 5.26 10.44
C ASN A 24 36.85 4.53 10.21
N ARG A 25 37.82 5.23 9.62
CA ARG A 25 39.14 4.68 9.38
C ARG A 25 40.13 5.70 9.94
N LYS A 26 40.57 5.49 11.16
CA LYS A 26 41.37 6.47 11.89
C LYS A 26 42.84 6.08 11.84
N ARG A 27 43.68 7.11 11.80
CA ARG A 27 45.11 6.96 11.64
C ARG A 27 45.82 7.51 12.88
N ILE A 28 46.76 6.72 13.39
CA ILE A 28 47.56 7.11 14.54
C ILE A 28 49.02 7.13 14.12
N SER A 29 49.80 8.00 14.74
CA SER A 29 51.17 8.20 14.28
C SER A 29 51.99 8.88 15.35
N ASN A 30 53.25 8.43 15.48
CA ASN A 30 54.28 9.13 16.26
C ASN A 30 53.87 9.28 17.72
N CYS A 31 53.72 8.14 18.40
CA CYS A 31 53.41 8.12 19.81
C CYS A 31 53.70 6.72 20.35
N VAL A 32 53.55 6.57 21.67
CA VAL A 32 53.79 5.29 22.33
C VAL A 32 52.45 4.68 22.71
N ALA A 33 52.40 3.35 22.68
CA ALA A 33 51.17 2.60 22.95
C ALA A 33 51.36 1.77 24.21
N ASP A 34 50.44 1.94 25.16
CA ASP A 34 50.42 1.15 26.40
C ASP A 34 49.02 0.56 26.53
N TYR A 35 48.86 -0.69 26.09
CA TYR A 35 47.57 -1.37 26.11
C TYR A 35 47.28 -2.05 27.45
N SER A 36 48.14 -1.85 28.45
CA SER A 36 47.90 -2.45 29.76
C SER A 36 46.61 -1.92 30.38
N VAL A 37 46.37 -0.61 30.24
CA VAL A 37 45.11 -0.03 30.71
C VAL A 37 43.92 -0.65 29.98
N LEU A 38 44.15 -1.20 28.79
CA LEU A 38 43.10 -1.90 28.06
C LEU A 38 42.60 -3.12 28.82
N TYR A 39 43.39 -3.66 29.75
CA TYR A 39 42.92 -4.75 30.59
C TYR A 39 41.73 -4.35 31.44
N ASN A 40 41.57 -3.06 31.73
CA ASN A 40 40.51 -2.57 32.60
C ASN A 40 39.26 -2.37 31.75
N LEU A 41 38.36 -3.35 31.80
CA LEU A 41 37.09 -3.25 31.09
C LEU A 41 36.12 -4.25 31.74
N ALA A 42 34.93 -4.37 31.14
CA ALA A 42 33.90 -5.24 31.69
C ALA A 42 34.37 -6.69 31.66
N PRO A 43 33.88 -7.51 32.60
CA PRO A 43 34.27 -8.93 32.60
C PRO A 43 33.92 -9.64 31.31
N PHE A 44 32.81 -9.28 30.66
CA PHE A 44 32.51 -9.81 29.34
C PHE A 44 33.48 -9.18 28.34
N PHE A 45 34.58 -9.88 28.06
CA PHE A 45 35.72 -9.30 27.37
C PHE A 45 36.39 -10.39 26.57
N THR A 46 36.43 -10.22 25.24
CA THR A 46 37.03 -11.21 24.35
C THR A 46 38.21 -10.56 23.63
N PHE A 47 39.39 -11.16 23.82
CA PHE A 47 40.67 -10.65 23.31
C PHE A 47 41.47 -11.85 22.82
N LYS A 48 41.31 -12.18 21.54
CA LYS A 48 41.96 -13.33 20.92
C LYS A 48 42.73 -12.84 19.69
N CYS A 49 43.99 -13.24 19.58
CA CYS A 49 44.91 -12.60 18.63
C CYS A 49 45.68 -13.62 17.80
N TYR A 50 46.13 -13.17 16.64
CA TYR A 50 46.94 -13.98 15.74
C TYR A 50 48.19 -13.20 15.34
N GLY A 51 49.29 -13.94 15.16
CA GLY A 51 50.53 -13.37 14.67
C GLY A 51 51.54 -12.98 15.73
N VAL A 52 51.12 -12.91 17.00
CA VAL A 52 52.04 -12.52 18.07
C VAL A 52 51.45 -12.93 19.41
N SER A 53 52.30 -13.19 20.39
CA SER A 53 51.81 -13.41 21.75
C SER A 53 51.13 -12.14 22.23
N PRO A 54 49.98 -12.25 22.90
CA PRO A 54 49.18 -11.06 23.23
C PRO A 54 49.90 -10.04 24.09
N THR A 55 50.88 -10.44 24.89
CA THR A 55 51.52 -9.54 25.83
C THR A 55 52.82 -8.94 25.32
N LYS A 56 53.49 -9.59 24.38
CA LYS A 56 54.79 -9.11 23.89
C LYS A 56 54.59 -8.20 22.67
N LEU A 57 54.14 -6.97 22.97
CA LEU A 57 53.96 -5.98 21.93
C LEU A 57 54.68 -4.67 22.26
N ASN A 58 54.72 -4.31 23.55
CA ASN A 58 55.25 -3.01 23.94
C ASN A 58 56.74 -2.88 23.59
N ASP A 59 57.50 -3.98 23.66
CA ASP A 59 58.89 -3.94 23.23
C ASP A 59 59.03 -3.86 21.72
N LEU A 60 58.01 -4.23 20.97
CA LEU A 60 58.07 -4.19 19.52
C LEU A 60 58.02 -2.75 19.01
N CYS A 61 58.43 -2.58 17.75
CA CYS A 61 58.57 -1.26 17.14
C CYS A 61 58.08 -1.28 15.69
N PHE A 62 56.94 -1.93 15.44
CA PHE A 62 56.47 -2.11 14.08
C PHE A 62 55.80 -0.84 13.55
N THR A 63 55.28 -0.93 12.32
CA THR A 63 54.85 0.23 11.55
C THR A 63 53.49 0.72 11.99
N ASN A 64 52.87 1.52 11.12
CA ASN A 64 51.61 2.20 11.37
C ASN A 64 50.50 1.22 11.78
N VAL A 65 49.44 1.79 12.36
CA VAL A 65 48.26 1.04 12.76
C VAL A 65 47.03 1.78 12.22
N TYR A 66 45.97 1.02 11.98
CA TYR A 66 44.70 1.57 11.55
C TYR A 66 43.63 1.26 12.59
N ALA A 67 42.67 2.17 12.72
CA ALA A 67 41.63 2.05 13.74
C ALA A 67 40.26 2.04 13.09
N ASP A 68 39.42 1.12 13.51
CA ASP A 68 38.03 1.02 13.09
C ASP A 68 37.28 0.05 13.98
N SER A 69 36.01 0.38 14.22
CA SER A 69 35.18 -0.37 15.16
C SER A 69 33.73 -0.11 14.84
N PHE A 70 32.88 -1.03 15.30
CA PHE A 70 31.46 -1.03 15.00
C PHE A 70 30.76 -2.03 15.91
N VAL A 71 29.46 -2.24 15.68
CA VAL A 71 28.63 -3.04 16.58
C VAL A 71 27.91 -4.11 15.77
N ILE A 72 27.81 -5.30 16.35
CA ILE A 72 27.25 -6.47 15.69
C ILE A 72 26.33 -7.21 16.65
N ARG A 73 25.33 -7.88 16.07
CA ARG A 73 24.41 -8.71 16.83
C ARG A 73 25.16 -9.92 17.40
N GLY A 74 24.63 -10.45 18.50
CA GLY A 74 25.47 -11.13 19.49
C GLY A 74 26.17 -12.39 18.98
N ASP A 75 25.42 -13.29 18.36
CA ASP A 75 25.93 -14.65 18.14
C ASP A 75 27.14 -14.67 17.22
N GLU A 76 27.11 -13.91 16.13
CA GLU A 76 28.06 -14.04 15.05
C GLU A 76 29.39 -13.34 15.31
N VAL A 77 29.73 -13.08 16.57
CA VAL A 77 31.07 -12.58 16.87
C VAL A 77 32.12 -13.61 16.47
N ARG A 78 31.76 -14.90 16.50
CA ARG A 78 32.61 -15.93 15.91
C ARG A 78 32.62 -15.86 14.39
N GLN A 79 31.49 -15.45 13.79
CA GLN A 79 31.37 -15.43 12.34
C GLN A 79 32.36 -14.46 11.71
N ILE A 80 32.75 -13.41 12.41
CA ILE A 80 33.83 -12.55 11.95
C ILE A 80 35.15 -13.19 12.38
N ALA A 81 35.97 -13.56 11.41
CA ALA A 81 37.20 -14.31 11.62
C ALA A 81 37.94 -14.41 10.29
N PRO A 82 39.21 -14.80 10.28
CA PRO A 82 39.96 -14.82 9.02
C PRO A 82 39.45 -15.90 8.08
N GLY A 83 38.83 -15.46 6.98
CA GLY A 83 38.67 -16.28 5.80
C GLY A 83 37.67 -17.42 5.88
N GLN A 84 36.67 -17.35 6.75
CA GLN A 84 35.61 -18.34 6.75
C GLN A 84 34.32 -17.70 6.26
N THR A 85 33.43 -18.53 5.74
CA THR A 85 32.24 -18.05 5.08
C THR A 85 31.27 -17.43 6.08
N GLY A 86 30.33 -16.64 5.56
CA GLY A 86 29.34 -15.97 6.37
C GLY A 86 28.73 -14.78 5.67
N ASN A 87 27.44 -14.51 5.93
CA ASN A 87 26.75 -13.44 5.23
C ASN A 87 27.40 -12.08 5.52
N ILE A 88 27.68 -11.78 6.79
CA ILE A 88 28.41 -10.56 7.10
C ILE A 88 29.84 -10.66 6.59
N ALA A 89 30.42 -11.85 6.63
CA ALA A 89 31.80 -12.03 6.18
C ALA A 89 31.94 -11.77 4.68
N ASP A 90 31.04 -12.34 3.89
CA ASP A 90 31.14 -12.21 2.44
C ASP A 90 30.40 -11.00 1.90
N TYR A 91 29.65 -10.28 2.73
CA TYR A 91 28.86 -9.15 2.27
C TYR A 91 29.25 -7.83 2.90
N ASN A 92 29.78 -7.82 4.11
CA ASN A 92 30.10 -6.58 4.79
C ASN A 92 31.57 -6.43 5.15
N TYR A 93 32.19 -7.48 5.69
CA TYR A 93 33.54 -7.34 6.23
C TYR A 93 34.26 -8.68 6.14
N LYS A 94 35.34 -8.73 5.37
CA LYS A 94 36.18 -9.92 5.27
C LYS A 94 37.57 -9.61 5.82
N LEU A 95 38.19 -10.63 6.42
CA LEU A 95 39.50 -10.50 7.03
C LEU A 95 40.49 -11.38 6.27
N PRO A 96 41.67 -10.87 5.90
CA PRO A 96 42.63 -11.68 5.16
C PRO A 96 43.08 -12.89 5.96
N ASP A 97 43.38 -13.98 5.26
CA ASP A 97 43.82 -15.21 5.90
C ASP A 97 45.13 -14.99 6.64
N ASP A 98 46.07 -14.29 6.02
CA ASP A 98 47.36 -14.02 6.65
C ASP A 98 47.34 -12.68 7.36
N PHE A 99 46.38 -12.49 8.26
CA PHE A 99 46.24 -11.25 9.00
C PHE A 99 47.02 -11.31 10.30
N THR A 100 47.65 -10.19 10.64
CA THR A 100 48.42 -10.05 11.87
C THR A 100 47.73 -9.03 12.76
N GLY A 101 47.54 -9.38 14.04
CA GLY A 101 46.83 -8.52 14.95
C GLY A 101 45.63 -9.22 15.55
N CYS A 102 44.61 -8.46 15.95
CA CYS A 102 43.41 -9.07 16.52
C CYS A 102 42.32 -8.02 16.70
N VAL A 103 41.22 -8.47 17.31
CA VAL A 103 40.02 -7.69 17.55
C VAL A 103 39.69 -7.80 19.03
N ILE A 104 38.83 -6.89 19.48
CA ILE A 104 38.38 -6.86 20.87
C ILE A 104 36.87 -6.76 20.87
N ALA A 105 36.22 -7.60 21.67
CA ALA A 105 34.76 -7.64 21.73
C ALA A 105 34.28 -7.50 23.16
N TRP A 106 33.17 -6.79 23.35
CA TRP A 106 32.56 -6.70 24.66
C TRP A 106 31.10 -6.32 24.52
N ASN A 107 30.39 -6.33 25.66
CA ASN A 107 28.95 -6.12 25.70
C ASN A 107 28.64 -4.65 25.94
N SER A 108 27.58 -4.17 25.29
CA SER A 108 27.09 -2.80 25.43
C SER A 108 25.56 -2.81 25.60
N ASN A 109 25.09 -3.67 26.50
CA ASN A 109 23.64 -3.89 26.62
C ASN A 109 22.92 -2.61 27.08
N LYS A 110 23.39 -2.01 28.18
CA LYS A 110 22.64 -0.92 28.78
C LYS A 110 22.84 0.41 28.04
N LEU A 111 23.97 0.59 27.36
CA LEU A 111 24.23 1.87 26.69
C LEU A 111 23.40 2.01 25.42
N ASP A 112 23.08 0.91 24.74
CA ASP A 112 22.49 0.96 23.42
C ASP A 112 20.98 0.74 23.42
N SER A 113 20.53 -0.37 23.99
CA SER A 113 19.13 -0.77 23.85
C SER A 113 18.20 0.19 24.58
N LYS A 114 17.08 0.48 23.95
CA LYS A 114 16.01 1.29 24.53
C LYS A 114 14.79 0.43 24.79
N VAL A 115 13.90 0.94 25.64
CA VAL A 115 12.72 0.17 26.03
C VAL A 115 11.85 -0.12 24.81
N SER A 116 11.61 0.89 23.98
CA SER A 116 10.86 0.66 22.75
C SER A 116 11.70 -0.06 21.71
N GLY A 117 13.02 0.04 21.82
CA GLY A 117 13.91 -0.56 20.84
C GLY A 117 14.49 0.47 19.90
N ASN A 118 15.82 0.53 19.81
CA ASN A 118 16.52 1.53 19.01
C ASN A 118 16.84 0.91 17.65
N TYR A 119 16.47 1.61 16.59
CA TYR A 119 16.68 1.15 15.22
C TYR A 119 17.70 2.10 14.58
N ASN A 120 18.98 1.79 14.75
CA ASN A 120 20.04 2.66 14.25
C ASN A 120 21.19 1.92 13.58
N TYR A 121 21.17 0.60 13.53
CA TYR A 121 22.25 -0.18 12.93
C TYR A 121 21.68 -1.17 11.94
N LEU A 122 22.42 -1.38 10.84
CA LEU A 122 21.87 -2.03 9.66
C LEU A 122 23.00 -2.43 8.72
N TYR A 123 22.77 -3.46 7.92
CA TYR A 123 23.82 -4.09 7.13
C TYR A 123 23.29 -4.56 5.79
N ARG A 124 24.18 -4.63 4.81
CA ARG A 124 23.80 -4.98 3.44
C ARG A 124 23.34 -6.43 3.35
N LEU A 125 22.51 -6.70 2.34
CA LEU A 125 21.82 -7.98 2.31
C LEU A 125 21.88 -8.71 0.97
N PHE A 126 22.02 -7.98 -0.14
CA PHE A 126 21.93 -8.59 -1.46
C PHE A 126 23.08 -8.14 -2.37
N ARG A 127 24.31 -8.19 -1.86
CA ARG A 127 25.45 -7.92 -2.72
C ARG A 127 25.65 -9.05 -3.71
N LYS A 128 25.74 -8.72 -4.99
CA LYS A 128 25.95 -9.74 -6.03
C LYS A 128 27.44 -9.92 -6.33
N SER A 129 28.20 -10.17 -5.27
CA SER A 129 29.64 -10.38 -5.34
C SER A 129 30.09 -10.78 -3.95
N ASN A 130 31.39 -11.03 -3.82
CA ASN A 130 32.03 -11.31 -2.53
C ASN A 130 33.22 -10.35 -2.41
N LEU A 131 33.02 -9.24 -1.70
CA LEU A 131 34.05 -8.21 -1.62
C LEU A 131 35.31 -8.75 -0.98
N LYS A 132 36.46 -8.29 -1.48
CA LYS A 132 37.74 -8.65 -0.92
C LYS A 132 37.88 -8.05 0.49
N PRO A 133 38.78 -8.59 1.30
CA PRO A 133 39.05 -7.96 2.60
C PRO A 133 39.64 -6.57 2.43
N PHE A 134 39.12 -5.62 3.21
CA PHE A 134 39.66 -4.27 3.37
C PHE A 134 39.60 -3.48 2.07
N GLU A 135 38.38 -3.29 1.55
CA GLU A 135 38.08 -2.29 0.53
C GLU A 135 36.78 -1.58 0.90
N ARG A 136 36.75 -0.27 0.66
CA ARG A 136 35.59 0.52 1.00
C ARG A 136 34.40 0.18 0.10
N ASP A 137 33.20 0.20 0.70
CA ASP A 137 31.96 -0.02 -0.04
C ASP A 137 30.83 0.74 0.64
N ILE A 138 30.50 1.91 0.09
CA ILE A 138 29.35 2.69 0.54
C ILE A 138 28.46 2.95 -0.67
N SER A 139 27.17 2.66 -0.52
CA SER A 139 26.23 2.75 -1.63
C SER A 139 24.81 2.66 -1.10
N THR A 140 23.86 3.24 -1.83
CA THR A 140 22.47 3.24 -1.42
C THR A 140 21.51 2.79 -2.51
N GLU A 141 22.00 2.46 -3.70
CA GLU A 141 21.11 2.06 -4.80
C GLU A 141 20.40 0.76 -4.47
N ILE A 142 19.15 0.65 -4.92
CA ILE A 142 18.36 -0.55 -4.67
C ILE A 142 18.89 -1.70 -5.51
N TYR A 143 19.02 -2.87 -4.88
CA TYR A 143 19.53 -4.03 -5.58
C TYR A 143 18.53 -4.54 -6.61
N GLN A 144 19.07 -5.04 -7.72
CA GLN A 144 18.28 -5.67 -8.76
C GLN A 144 18.80 -7.08 -8.99
N ALA A 145 17.89 -8.05 -9.07
CA ALA A 145 18.26 -9.43 -9.33
C ALA A 145 18.70 -9.67 -10.76
N GLY A 146 18.84 -8.63 -11.56
CA GLY A 146 19.23 -8.78 -12.95
C GLY A 146 18.04 -8.99 -13.86
N ASN A 147 18.18 -9.88 -14.84
CA ASN A 147 17.10 -10.21 -15.75
C ASN A 147 16.60 -8.97 -16.49
N LYS A 148 15.49 -8.41 -16.03
CA LYS A 148 14.82 -7.29 -16.65
C LYS A 148 15.06 -6.00 -15.88
N PRO A 149 15.01 -4.85 -16.56
CA PRO A 149 15.35 -3.58 -15.91
C PRO A 149 14.25 -3.04 -15.00
N CYS A 150 14.28 -3.41 -13.72
CA CYS A 150 13.29 -2.91 -12.77
C CYS A 150 13.20 -1.40 -12.79
N ASN A 151 14.32 -0.72 -13.07
CA ASN A 151 14.33 0.73 -13.32
C ASN A 151 13.86 1.53 -12.10
N GLY A 152 14.43 1.20 -10.96
CA GLY A 152 14.22 2.00 -9.76
C GLY A 152 12.78 2.10 -9.30
N VAL A 153 12.03 0.99 -9.36
CA VAL A 153 10.65 0.98 -8.90
C VAL A 153 10.48 0.18 -7.61
N ALA A 154 11.49 -0.58 -7.21
CA ALA A 154 11.47 -1.36 -5.96
C ALA A 154 10.32 -2.37 -5.96
N GLY A 155 10.17 -3.08 -7.08
CA GLY A 155 9.14 -4.08 -7.24
C GLY A 155 9.64 -5.48 -6.94
N PHE A 156 9.23 -6.43 -7.78
CA PHE A 156 9.60 -7.82 -7.58
C PHE A 156 11.01 -8.08 -8.09
N ASN A 157 11.84 -8.70 -7.24
CA ASN A 157 13.22 -9.06 -7.51
C ASN A 157 14.13 -7.84 -7.55
N CYS A 158 13.56 -6.64 -7.45
CA CYS A 158 14.34 -5.40 -7.40
C CYS A 158 14.16 -4.84 -5.98
N TYR A 159 14.98 -5.36 -5.07
CA TYR A 159 14.79 -5.10 -3.65
C TYR A 159 15.76 -4.04 -3.13
N PHE A 160 15.24 -3.16 -2.29
CA PHE A 160 16.11 -2.30 -1.48
C PHE A 160 16.60 -3.08 -0.27
N PRO A 161 17.91 -3.15 -0.05
CA PRO A 161 18.44 -3.97 1.04
C PRO A 161 18.41 -3.28 2.40
N LEU A 162 19.05 -3.94 3.38
CA LEU A 162 19.53 -3.43 4.68
C LEU A 162 18.85 -4.12 5.85
N ARG A 163 17.57 -3.81 6.13
CA ARG A 163 16.82 -4.45 7.20
C ARG A 163 17.52 -4.26 8.56
N SER A 164 17.46 -3.02 9.03
CA SER A 164 18.07 -2.66 10.31
C SER A 164 17.61 -3.59 11.44
N TYR A 165 18.40 -3.61 12.51
CA TYR A 165 18.21 -4.54 13.61
C TYR A 165 17.06 -4.09 14.51
N SER A 166 16.90 -4.79 15.63
CA SER A 166 15.87 -4.49 16.61
C SER A 166 16.45 -3.85 17.88
N PHE A 167 17.39 -4.53 18.53
CA PHE A 167 17.96 -4.10 19.81
C PHE A 167 16.87 -3.91 20.87
N ARG A 168 16.21 -5.01 21.19
CA ARG A 168 15.20 -4.99 22.24
C ARG A 168 15.85 -4.70 23.59
N PRO A 169 15.14 -4.04 24.50
CA PRO A 169 15.74 -3.72 25.81
C PRO A 169 16.15 -4.96 26.58
N THR A 170 15.37 -6.03 26.51
CA THR A 170 15.71 -7.31 27.11
C THR A 170 15.63 -8.38 26.03
N TYR A 171 16.64 -9.24 25.97
CA TYR A 171 16.65 -10.32 25.00
C TYR A 171 17.80 -11.24 25.36
N GLY A 172 17.83 -12.42 24.73
CA GLY A 172 18.93 -13.34 24.94
C GLY A 172 20.24 -12.84 24.36
N VAL A 173 21.32 -13.46 24.83
CA VAL A 173 22.66 -13.09 24.38
C VAL A 173 22.88 -13.33 22.90
N GLY A 174 22.08 -14.20 22.29
CA GLY A 174 22.25 -14.47 20.86
C GLY A 174 22.03 -13.23 20.01
N HIS A 175 21.01 -12.45 20.34
CA HIS A 175 20.69 -11.25 19.57
C HIS A 175 20.97 -9.99 20.38
N GLN A 176 22.04 -10.03 21.18
CA GLN A 176 22.39 -8.92 22.06
C GLN A 176 23.48 -8.08 21.43
N PRO A 177 23.31 -6.76 21.37
CA PRO A 177 24.32 -5.91 20.70
C PRO A 177 25.67 -5.98 21.40
N TYR A 178 26.70 -6.28 20.61
CA TYR A 178 28.08 -6.35 21.07
C TYR A 178 28.95 -5.35 20.30
N ARG A 179 29.75 -4.60 21.05
CA ARG A 179 30.69 -3.65 20.48
C ARG A 179 32.00 -4.37 20.19
N VAL A 180 32.47 -4.26 18.95
CA VAL A 180 33.71 -4.89 18.52
C VAL A 180 34.58 -3.84 17.85
N VAL A 181 35.89 -3.94 18.07
CA VAL A 181 36.88 -3.10 17.42
C VAL A 181 37.89 -4.01 16.73
N VAL A 182 38.21 -3.71 15.48
CA VAL A 182 39.17 -4.50 14.71
C VAL A 182 40.45 -3.70 14.63
N LEU A 183 41.53 -4.25 15.19
CA LEU A 183 42.81 -3.58 15.25
C LEU A 183 43.75 -4.18 14.20
N SER A 184 44.40 -3.31 13.43
CA SER A 184 45.25 -3.75 12.34
C SER A 184 46.46 -2.83 12.25
N PHE A 185 47.64 -3.37 12.55
CA PHE A 185 48.90 -2.66 12.37
C PHE A 185 49.74 -3.40 11.35
N GLU A 186 50.44 -2.66 10.51
CA GLU A 186 51.22 -3.25 9.42
C GLU A 186 52.54 -3.77 9.96
N LEU A 187 53.46 -4.09 9.05
CA LEU A 187 54.74 -4.69 9.39
C LEU A 187 55.77 -4.17 8.38
N LEU A 188 56.90 -4.86 8.27
CA LEU A 188 58.10 -4.54 7.50
C LEU A 188 58.93 -3.46 8.19
N HIS A 189 58.45 -2.85 9.27
CA HIS A 189 59.23 -2.12 10.25
C HIS A 189 59.98 -0.91 9.69
N ALA A 190 59.89 -0.65 8.39
CA ALA A 190 60.72 0.43 7.86
C ALA A 190 60.05 1.79 8.13
N PRO A 191 58.78 1.99 7.78
CA PRO A 191 58.08 3.13 8.40
C PRO A 191 57.71 2.86 9.86
N ALA A 192 58.71 2.79 10.73
CA ALA A 192 58.46 2.58 12.14
C ALA A 192 57.62 3.73 12.70
N THR A 193 56.51 3.40 13.35
CA THR A 193 55.51 4.40 13.71
C THR A 193 55.32 4.55 15.21
N VAL A 194 54.92 3.49 15.90
CA VAL A 194 54.47 3.62 17.28
C VAL A 194 55.54 3.17 18.27
N CYS A 195 55.92 1.89 18.22
CA CYS A 195 56.95 1.34 19.11
C CYS A 195 56.62 1.57 20.59
N GLY A 196 57.58 1.33 21.47
CA GLY A 196 57.37 1.48 22.89
C GLY A 196 58.62 1.83 23.67
N GLN B 1 21.47 32.06 20.22
CA GLN B 1 20.26 31.29 19.99
C GLN B 1 20.21 30.86 18.52
N VAL B 2 19.97 29.56 18.30
CA VAL B 2 19.98 29.02 16.94
C VAL B 2 18.82 29.61 16.16
N GLN B 3 19.15 30.49 15.21
CA GLN B 3 18.13 31.19 14.45
C GLN B 3 18.59 31.33 13.00
N LEU B 4 17.65 31.28 12.07
CA LEU B 4 17.92 31.40 10.65
C LEU B 4 17.09 32.55 10.07
N VAL B 5 17.76 33.42 9.30
CA VAL B 5 17.11 34.55 8.67
C VAL B 5 17.13 34.32 7.17
N GLU B 6 15.94 34.29 6.57
CA GLU B 6 15.79 34.15 5.13
C GLU B 6 15.41 35.50 4.52
N SER B 7 16.08 35.86 3.42
CA SER B 7 15.83 37.15 2.79
C SER B 7 15.97 36.99 1.28
N GLY B 8 15.40 37.95 0.55
CA GLY B 8 15.37 37.95 -0.88
C GLY B 8 14.02 37.64 -1.48
N GLY B 9 13.02 37.32 -0.67
CA GLY B 9 11.70 37.03 -1.19
C GLY B 9 11.03 38.25 -1.77
N GLY B 10 10.05 37.99 -2.63
CA GLY B 10 9.37 39.06 -3.33
C GLY B 10 8.70 38.55 -4.58
N VAL B 11 8.25 39.48 -5.41
CA VAL B 11 7.56 39.17 -6.65
C VAL B 11 8.46 39.52 -7.81
N VAL B 12 8.64 38.57 -8.72
CA VAL B 12 9.56 38.73 -9.85
C VAL B 12 8.85 38.32 -11.13
N GLN B 13 9.27 38.92 -12.25
CA GLN B 13 8.77 38.54 -13.55
C GLN B 13 9.26 37.13 -13.91
N PRO B 14 8.49 36.39 -14.70
CA PRO B 14 8.91 35.02 -15.06
C PRO B 14 10.21 35.02 -15.86
N GLY B 15 11.00 33.97 -15.66
CA GLY B 15 12.22 33.76 -16.40
C GLY B 15 13.42 34.51 -15.90
N ARG B 16 13.29 35.31 -14.86
CA ARG B 16 14.39 36.10 -14.34
C ARG B 16 15.22 35.28 -13.37
N SER B 17 16.14 35.93 -12.65
CA SER B 17 17.02 35.26 -11.70
C SER B 17 17.08 36.08 -10.42
N LEU B 18 17.39 35.41 -9.32
CA LEU B 18 17.49 36.07 -8.03
C LEU B 18 18.39 35.24 -7.13
N ARG B 19 18.84 35.83 -6.02
CA ARG B 19 19.66 35.14 -5.04
C ARG B 19 19.00 35.24 -3.67
N LEU B 20 18.49 34.12 -3.17
CA LEU B 20 17.94 34.05 -1.83
C LEU B 20 19.08 33.83 -0.84
N SER B 21 19.03 34.55 0.28
CA SER B 21 20.10 34.51 1.27
C SER B 21 19.57 33.97 2.59
N CYS B 22 20.42 33.22 3.28
CA CYS B 22 20.10 32.66 4.60
C CYS B 22 21.28 32.89 5.52
N ALA B 23 21.01 33.55 6.65
CA ALA B 23 22.02 33.83 7.66
C ALA B 23 21.75 32.98 8.90
N ALA B 24 22.81 32.40 9.46
CA ALA B 24 22.71 31.52 10.60
C ALA B 24 23.32 32.20 11.83
N SER B 25 22.62 32.13 12.95
CA SER B 25 23.11 32.65 14.22
C SER B 25 23.04 31.55 15.27
N GLY B 26 24.14 31.37 16.00
CA GLY B 26 24.19 30.37 17.04
C GLY B 26 25.24 29.29 16.82
N PHE B 27 25.44 28.91 15.56
CA PHE B 27 26.38 27.86 15.21
C PHE B 27 27.07 28.21 13.90
N THR B 28 27.92 27.30 13.43
CA THR B 28 28.61 27.43 12.16
C THR B 28 28.02 26.44 11.16
N LEU B 29 27.70 26.92 9.96
CA LEU B 29 27.08 26.08 8.95
C LEU B 29 28.00 24.97 8.49
N SER B 30 29.31 25.13 8.66
CA SER B 30 30.25 24.10 8.21
C SER B 30 30.07 22.79 8.95
N SER B 31 29.41 22.80 10.10
CA SER B 31 29.23 21.62 10.92
C SER B 31 27.90 20.92 10.68
N TYR B 32 27.07 21.39 9.75
CA TYR B 32 25.77 20.78 9.53
C TYR B 32 25.41 20.87 8.05
N GLY B 33 24.49 20.01 7.64
CA GLY B 33 23.89 20.14 6.33
C GLY B 33 22.65 21.02 6.35
N MET B 34 22.36 21.63 5.22
CA MET B 34 21.26 22.58 5.13
C MET B 34 20.24 22.13 4.10
N HIS B 35 18.98 22.52 4.33
CA HIS B 35 17.87 22.14 3.47
C HIS B 35 17.10 23.38 3.05
N TRP B 36 16.72 23.47 1.78
CA TRP B 36 15.70 24.39 1.33
C TRP B 36 14.49 23.58 0.90
N VAL B 37 13.35 23.87 1.52
CA VAL B 37 12.08 23.18 1.23
C VAL B 37 11.00 24.22 1.06
N ARG B 38 10.18 24.08 0.01
CA ARG B 38 9.17 25.06 -0.32
C ARG B 38 7.77 24.50 -0.07
N GLN B 39 6.83 25.42 0.13
CA GLN B 39 5.43 25.07 0.39
C GLN B 39 4.55 26.10 -0.30
N ALA B 40 3.61 25.63 -1.11
CA ALA B 40 2.73 26.56 -1.81
C ALA B 40 1.37 26.64 -1.13
N PRO B 41 0.76 27.81 -1.12
CA PRO B 41 -0.57 27.94 -0.52
C PRO B 41 -1.57 27.01 -1.19
N GLY B 42 -2.31 26.27 -0.36
CA GLY B 42 -3.22 25.26 -0.86
C GLY B 42 -2.58 23.95 -1.22
N LYS B 43 -1.27 23.81 -1.06
CA LYS B 43 -0.51 22.62 -1.41
C LYS B 43 0.18 22.06 -0.17
N GLY B 44 0.92 20.97 -0.38
CA GLY B 44 1.77 20.43 0.66
C GLY B 44 3.23 20.81 0.48
N LEU B 45 4.04 20.47 1.47
CA LEU B 45 5.46 20.74 1.38
C LEU B 45 6.08 19.86 0.30
N GLU B 46 7.09 20.40 -0.38
CA GLU B 46 7.78 19.67 -1.44
C GLU B 46 9.27 19.88 -1.27
N TRP B 47 10.03 18.80 -1.35
CA TRP B 47 11.47 18.88 -1.15
C TRP B 47 12.14 19.54 -2.36
N VAL B 48 13.06 20.47 -2.08
CA VAL B 48 13.69 21.29 -3.12
C VAL B 48 15.18 20.98 -3.23
N ALA B 49 15.94 21.27 -2.19
CA ALA B 49 17.39 21.10 -2.31
C ALA B 49 18.01 20.90 -0.93
N VAL B 50 19.21 20.31 -0.94
CA VAL B 50 20.00 20.10 0.27
C VAL B 50 21.47 20.24 -0.05
N ILE B 51 22.27 20.47 0.98
CA ILE B 51 23.73 20.45 0.88
C ILE B 51 24.28 19.77 2.13
N SER B 52 25.24 18.87 1.93
CA SER B 52 25.83 18.14 3.04
C SER B 52 26.79 19.05 3.82
N TYR B 53 27.34 18.50 4.91
CA TYR B 53 28.23 19.27 5.77
C TYR B 53 29.60 19.49 5.14
N ASP B 54 30.00 18.66 4.18
CA ASP B 54 31.32 18.75 3.57
C ASP B 54 31.31 19.45 2.22
N GLY B 55 30.14 19.72 1.65
CA GLY B 55 30.08 20.31 0.34
C GLY B 55 30.57 19.42 -0.79
N SER B 56 30.74 18.12 -0.53
CA SER B 56 31.26 17.23 -1.55
C SER B 56 30.22 16.93 -2.63
N ASN B 57 28.97 16.75 -2.23
CA ASN B 57 27.93 16.34 -3.17
C ASN B 57 26.71 17.23 -3.02
N LYS B 58 25.92 17.29 -4.10
CA LYS B 58 24.75 18.14 -4.17
C LYS B 58 23.66 17.41 -4.94
N TYR B 59 22.47 17.34 -4.37
CA TYR B 59 21.34 16.66 -5.00
C TYR B 59 20.15 17.61 -5.13
N TYR B 60 19.32 17.33 -6.13
CA TYR B 60 18.14 18.12 -6.41
C TYR B 60 16.99 17.18 -6.76
N VAL B 61 15.82 17.77 -7.02
CA VAL B 61 14.66 17.02 -7.48
C VAL B 61 14.57 17.17 -8.98
N ASP B 62 13.88 16.23 -9.62
CA ASP B 62 13.83 16.18 -11.09
C ASP B 62 13.31 17.48 -11.69
N SER B 63 12.34 18.11 -11.02
CA SER B 63 11.73 19.32 -11.57
C SER B 63 12.68 20.50 -11.61
N VAL B 64 13.79 20.45 -10.86
CA VAL B 64 14.66 21.61 -10.69
C VAL B 64 16.06 21.34 -11.20
N LYS B 65 16.29 20.22 -11.89
CA LYS B 65 17.63 19.88 -12.34
C LYS B 65 18.12 20.85 -13.41
N GLY B 66 19.34 21.33 -13.24
CA GLY B 66 20.00 22.12 -14.25
C GLY B 66 19.54 23.56 -14.37
N ARG B 67 18.69 24.04 -13.47
CA ARG B 67 18.15 25.39 -13.57
C ARG B 67 18.41 26.26 -12.34
N PHE B 68 18.66 25.68 -11.17
CA PHE B 68 18.97 26.45 -9.98
C PHE B 68 20.28 25.95 -9.37
N THR B 69 20.84 26.76 -8.47
CA THR B 69 22.12 26.46 -7.85
C THR B 69 22.05 26.72 -6.36
N ILE B 70 22.80 25.93 -5.59
CA ILE B 70 22.95 26.14 -4.15
C ILE B 70 24.43 26.31 -3.83
N SER B 71 24.73 27.21 -2.90
CA SER B 71 26.10 27.47 -2.51
C SER B 71 26.13 27.90 -1.06
N ARG B 72 27.32 27.81 -0.45
CA ARG B 72 27.49 28.12 0.96
C ARG B 72 28.82 28.82 1.17
N ASP B 73 28.87 29.67 2.19
CA ASP B 73 30.05 30.45 2.52
C ASP B 73 30.36 30.26 3.99
N ASN B 74 31.48 29.58 4.28
CA ASN B 74 31.88 29.30 5.65
C ASN B 74 32.46 30.52 6.34
N SER B 75 33.15 31.39 5.60
CA SER B 75 33.83 32.53 6.21
C SER B 75 32.83 33.46 6.90
N LYS B 76 31.79 33.88 6.17
CA LYS B 76 30.78 34.77 6.73
C LYS B 76 29.53 34.04 7.18
N ASN B 77 29.51 32.70 7.08
CA ASN B 77 28.37 31.89 7.52
C ASN B 77 27.09 32.30 6.80
N THR B 78 27.09 32.11 5.49
CA THR B 78 25.95 32.50 4.66
C THR B 78 25.58 31.34 3.74
N LEU B 79 24.30 31.30 3.36
CA LEU B 79 23.78 30.26 2.48
C LEU B 79 23.04 30.90 1.32
N TYR B 80 23.49 30.64 0.09
CA TYR B 80 22.98 31.30 -1.10
C TYR B 80 22.23 30.31 -1.98
N LEU B 81 21.08 30.73 -2.48
CA LEU B 81 20.29 29.93 -3.42
C LEU B 81 20.02 30.75 -4.66
N GLN B 82 20.62 30.36 -5.78
CA GLN B 82 20.47 31.06 -7.05
C GLN B 82 19.31 30.48 -7.82
N MET B 83 18.31 31.33 -8.08
CA MET B 83 17.09 31.00 -8.79
C MET B 83 17.22 31.50 -10.22
N ASN B 84 17.16 30.58 -11.19
CA ASN B 84 17.25 30.94 -12.60
C ASN B 84 16.16 30.24 -13.40
N SER B 85 15.68 30.92 -14.44
CA SER B 85 14.59 30.42 -15.29
C SER B 85 13.34 30.15 -14.47
N LEU B 86 12.86 31.21 -13.82
CA LEU B 86 11.69 31.10 -12.95
C LEU B 86 10.43 30.87 -13.77
N ARG B 87 9.48 30.13 -13.20
CA ARG B 87 8.18 29.89 -13.82
C ARG B 87 7.10 30.02 -12.74
N ALA B 88 5.86 30.18 -13.21
CA ALA B 88 4.77 30.57 -12.31
C ALA B 88 4.52 29.56 -11.20
N GLU B 89 4.81 28.28 -11.44
CA GLU B 89 4.49 27.25 -10.45
C GLU B 89 5.36 27.34 -9.20
N ASP B 90 6.44 28.12 -9.23
CA ASP B 90 7.34 28.19 -8.08
C ASP B 90 6.92 29.22 -7.05
N THR B 91 5.80 29.91 -7.26
CA THR B 91 5.29 30.87 -6.28
C THR B 91 4.93 30.15 -4.99
N ALA B 92 5.70 30.38 -3.92
CA ALA B 92 5.52 29.64 -2.67
C ALA B 92 6.39 30.28 -1.60
N VAL B 93 6.34 29.72 -0.40
CA VAL B 93 7.17 30.17 0.72
C VAL B 93 8.24 29.11 0.97
N TYR B 94 9.48 29.55 1.08
CA TYR B 94 10.62 28.67 1.22
C TYR B 94 11.19 28.75 2.64
N TYR B 95 11.69 27.62 3.13
CA TYR B 95 12.25 27.50 4.46
C TYR B 95 13.62 26.85 4.38
N CYS B 96 14.50 27.27 5.29
CA CYS B 96 15.84 26.71 5.43
C CYS B 96 15.90 25.94 6.74
N ALA B 97 16.29 24.68 6.66
CA ALA B 97 16.28 23.76 7.79
C ALA B 97 17.68 23.21 8.04
N ARG B 98 17.91 22.84 9.31
CA ARG B 98 19.20 22.37 9.78
C ARG B 98 19.04 20.96 10.32
N GLY B 99 19.95 20.06 9.93
CA GLY B 99 19.85 18.66 10.32
C GLY B 99 21.02 18.16 11.15
N TRP B 100 21.19 16.84 11.22
CA TRP B 100 22.25 16.28 12.04
C TRP B 100 23.62 16.59 11.44
N ALA B 101 24.65 16.30 12.23
CA ALA B 101 26.01 16.70 11.94
C ALA B 101 26.92 15.50 11.78
N TYR B 102 28.11 15.75 11.23
CA TYR B 102 29.22 14.82 11.38
C TYR B 102 29.67 14.72 12.82
N TRP B 103 29.37 15.74 13.63
CA TRP B 103 29.61 15.69 15.07
C TRP B 103 28.96 14.46 15.68
N GLU B 104 27.81 14.06 15.17
CA GLU B 104 27.12 12.85 15.57
C GLU B 104 27.10 11.92 14.35
N LEU B 105 28.09 11.03 14.27
CA LEU B 105 28.30 10.19 13.09
C LEU B 105 27.18 9.17 12.99
N LEU B 106 26.30 9.37 12.02
CA LEU B 106 25.18 8.52 11.70
C LEU B 106 25.32 7.96 10.30
N PRO B 107 24.63 6.87 9.96
CA PRO B 107 24.77 6.26 8.64
C PRO B 107 24.43 7.22 7.52
N ASP B 108 24.75 6.80 6.30
CA ASP B 108 24.61 7.66 5.13
C ASP B 108 23.13 7.81 4.76
N TYR B 109 22.87 8.46 3.64
CA TYR B 109 21.57 9.05 3.33
C TYR B 109 20.98 9.67 4.60
N TYR B 110 21.73 10.67 5.07
CA TYR B 110 21.60 11.34 6.35
C TYR B 110 20.15 11.60 6.74
N TYR B 111 19.84 11.47 8.02
CA TYR B 111 18.55 11.89 8.52
C TYR B 111 18.52 13.41 8.58
N GLY B 112 17.41 14.01 8.14
CA GLY B 112 17.36 15.43 7.86
C GLY B 112 16.54 16.21 8.88
N MET B 113 16.95 17.47 9.07
CA MET B 113 16.22 18.60 9.67
C MET B 113 15.66 18.37 11.06
N ASP B 114 15.82 19.36 11.93
CA ASP B 114 15.25 19.36 13.27
C ASP B 114 14.46 20.63 13.59
N VAL B 115 14.89 21.77 13.06
CA VAL B 115 14.21 23.04 13.31
C VAL B 115 14.62 23.99 12.19
N TRP B 116 13.80 25.01 11.96
CA TRP B 116 14.03 25.92 10.84
C TRP B 116 13.51 27.31 11.21
N GLY B 117 13.79 28.26 10.32
CA GLY B 117 13.40 29.64 10.51
C GLY B 117 12.02 29.93 9.96
N GLN B 118 11.73 31.21 9.81
CA GLN B 118 10.42 31.66 9.37
C GLN B 118 10.19 31.45 7.88
N GLY B 119 11.24 31.43 7.07
CA GLY B 119 11.10 31.34 5.63
C GLY B 119 10.70 32.66 5.01
N THR B 120 10.61 32.66 3.68
CA THR B 120 10.23 33.87 2.97
C THR B 120 9.49 33.48 1.70
N THR B 121 8.60 34.36 1.25
CA THR B 121 7.73 34.07 0.11
C THR B 121 8.29 34.67 -1.18
N VAL B 122 8.03 33.96 -2.28
CA VAL B 122 8.38 34.41 -3.62
C VAL B 122 7.20 34.16 -4.53
N THR B 123 6.96 35.08 -5.46
CA THR B 123 5.84 35.02 -6.40
C THR B 123 6.37 35.30 -7.81
N VAL B 124 6.34 34.27 -8.66
CA VAL B 124 6.71 34.42 -10.06
C VAL B 124 5.46 34.89 -10.79
N SER B 125 5.34 36.21 -10.97
CA SER B 125 4.16 36.81 -11.54
C SER B 125 4.52 37.66 -12.75
N SER B 126 3.72 37.55 -13.80
CA SER B 126 3.88 38.35 -15.00
C SER B 126 3.05 39.64 -14.97
N ALA B 127 2.25 39.84 -13.93
CA ALA B 127 1.42 41.04 -13.85
C ALA B 127 2.27 42.26 -13.53
N SER B 128 1.81 43.41 -14.00
CA SER B 128 2.52 44.67 -13.78
C SER B 128 2.04 45.35 -12.51
N THR B 129 2.91 46.18 -11.93
CA THR B 129 2.61 46.89 -10.69
C THR B 129 1.87 48.18 -11.00
N LYS B 130 0.63 48.28 -10.53
CA LYS B 130 -0.18 49.48 -10.73
C LYS B 130 -1.06 49.69 -9.51
N GLY B 131 -1.46 50.94 -9.29
CA GLY B 131 -2.14 51.34 -8.07
C GLY B 131 -3.52 50.74 -7.89
N PRO B 132 -4.00 50.71 -6.65
CA PRO B 132 -5.29 50.08 -6.35
C PRO B 132 -6.47 50.89 -6.88
N SER B 133 -7.62 50.22 -6.94
CA SER B 133 -8.90 50.85 -7.22
C SER B 133 -9.77 50.72 -5.98
N VAL B 134 -10.32 51.84 -5.52
CA VAL B 134 -11.04 51.91 -4.26
C VAL B 134 -12.46 52.36 -4.52
N PHE B 135 -13.43 51.65 -3.92
CA PHE B 135 -14.84 52.01 -4.00
C PHE B 135 -15.51 51.82 -2.64
N PRO B 136 -16.58 52.54 -2.37
CA PRO B 136 -17.33 52.32 -1.13
C PRO B 136 -18.26 51.11 -1.25
N LEU B 137 -18.71 50.65 -0.09
CA LEU B 137 -19.65 49.53 0.01
C LEU B 137 -20.71 49.95 1.02
N ALA B 138 -21.85 50.41 0.51
CA ALA B 138 -22.99 50.87 1.31
C ALA B 138 -24.05 49.80 1.35
N PRO B 139 -24.47 49.35 2.54
CA PRO B 139 -25.55 48.37 2.61
C PRO B 139 -26.85 48.93 2.06
N SER B 140 -27.66 48.05 1.48
CA SER B 140 -28.91 48.46 0.89
C SER B 140 -29.88 48.94 1.97
N SER B 141 -30.84 49.78 1.54
CA SER B 141 -31.87 50.24 2.47
C SER B 141 -32.67 49.08 3.03
N LYS B 142 -32.82 48.01 2.25
CA LYS B 142 -33.47 46.79 2.71
C LYS B 142 -32.51 45.86 3.45
N SER B 143 -31.23 46.22 3.52
CA SER B 143 -30.22 45.43 4.21
C SER B 143 -29.98 45.92 5.64
N THR B 144 -30.83 46.79 6.15
CA THR B 144 -30.73 47.33 7.51
C THR B 144 -31.90 46.90 8.36
N SER B 145 -32.29 45.62 8.25
CA SER B 145 -33.42 45.08 9.00
C SER B 145 -33.04 44.61 10.40
N GLY B 146 -31.82 44.92 10.85
CA GLY B 146 -31.38 44.52 12.17
C GLY B 146 -30.75 45.70 12.91
N GLY B 147 -30.40 45.44 14.17
CA GLY B 147 -29.81 46.48 14.99
C GLY B 147 -28.44 46.92 14.55
N THR B 148 -27.71 46.06 13.84
CA THR B 148 -26.38 46.36 13.34
C THR B 148 -26.32 46.17 11.83
N ALA B 149 -25.64 47.07 11.15
CA ALA B 149 -25.45 47.01 9.71
C ALA B 149 -23.96 47.07 9.39
N ALA B 150 -23.58 46.45 8.28
CA ALA B 150 -22.20 46.35 7.85
C ALA B 150 -21.95 47.29 6.68
N LEU B 151 -20.88 48.09 6.78
CA LEU B 151 -20.49 49.02 5.73
C LEU B 151 -18.99 48.92 5.52
N GLY B 152 -18.52 49.16 4.30
CA GLY B 152 -17.12 48.92 4.03
C GLY B 152 -16.48 49.60 2.84
N CYS B 153 -15.28 49.17 2.51
CA CYS B 153 -14.55 49.63 1.33
C CYS B 153 -14.05 48.42 0.55
N LEU B 154 -14.26 48.45 -0.78
CA LEU B 154 -13.82 47.40 -1.67
C LEU B 154 -12.62 47.90 -2.48
N VAL B 155 -11.51 47.16 -2.41
CA VAL B 155 -10.31 47.48 -3.16
C VAL B 155 -10.09 46.37 -4.18
N LYS B 156 -9.74 46.75 -5.40
CA LYS B 156 -9.65 45.79 -6.48
C LYS B 156 -8.60 46.23 -7.49
N ASP B 157 -8.13 45.25 -8.26
CA ASP B 157 -7.23 45.45 -9.40
C ASP B 157 -5.99 46.24 -8.97
N TYR B 158 -5.23 45.65 -8.06
CA TYR B 158 -3.98 46.23 -7.59
C TYR B 158 -2.92 45.15 -7.56
N PHE B 159 -1.66 45.59 -7.59
CA PHE B 159 -0.53 44.68 -7.60
C PHE B 159 0.67 45.43 -7.05
N PRO B 160 1.47 44.82 -6.18
CA PRO B 160 1.22 43.49 -5.61
C PRO B 160 0.79 43.49 -4.15
N GLU B 161 0.54 42.29 -3.64
CA GLU B 161 0.30 42.09 -2.22
C GLU B 161 1.55 42.49 -1.44
N PRO B 162 1.41 43.12 -0.25
CA PRO B 162 0.18 43.47 0.48
C PRO B 162 -0.31 44.89 0.27
N VAL B 163 -1.49 45.17 0.83
CA VAL B 163 -2.06 46.51 0.86
C VAL B 163 -2.68 46.71 2.24
N THR B 164 -2.53 47.91 2.80
CA THR B 164 -3.00 48.21 4.14
C THR B 164 -4.28 49.04 4.07
N VAL B 165 -5.25 48.66 4.88
CA VAL B 165 -6.51 49.38 5.00
C VAL B 165 -6.71 49.77 6.46
N SER B 166 -7.12 51.02 6.68
CA SER B 166 -7.41 51.53 8.01
C SER B 166 -8.74 52.27 7.98
N TRP B 167 -9.36 52.42 9.13
CA TRP B 167 -10.67 53.07 9.23
C TRP B 167 -10.57 54.25 10.18
N ASN B 168 -10.93 55.43 9.68
CA ASN B 168 -10.90 56.67 10.46
C ASN B 168 -9.51 56.90 11.04
N SER B 169 -8.49 56.68 10.20
CA SER B 169 -7.09 56.79 10.60
C SER B 169 -6.78 55.89 11.78
N GLY B 170 -7.35 54.68 11.77
CA GLY B 170 -7.11 53.72 12.82
C GLY B 170 -7.87 53.96 14.11
N ALA B 171 -8.82 54.90 14.13
CA ALA B 171 -9.57 55.17 15.34
C ALA B 171 -10.54 54.03 15.68
N LEU B 172 -10.99 53.30 14.68
CA LEU B 172 -11.94 52.21 14.87
C LEU B 172 -11.23 50.88 14.68
N THR B 173 -11.40 49.97 15.64
CA THR B 173 -10.80 48.65 15.58
C THR B 173 -11.84 47.56 15.79
N SER B 174 -12.87 47.87 16.57
CA SER B 174 -13.89 46.87 16.90
C SER B 174 -14.82 46.65 15.71
N GLY B 175 -15.15 45.39 15.46
CA GLY B 175 -16.08 45.03 14.41
C GLY B 175 -15.52 45.06 13.01
N VAL B 176 -14.22 45.23 12.85
CA VAL B 176 -13.59 45.33 11.54
C VAL B 176 -13.19 43.93 11.07
N HIS B 177 -13.53 43.60 9.83
CA HIS B 177 -13.17 42.34 9.20
C HIS B 177 -12.50 42.64 7.88
N THR B 178 -11.24 42.24 7.75
CA THR B 178 -10.47 42.41 6.53
C THR B 178 -10.24 41.02 5.93
N PHE B 179 -11.13 40.61 5.05
CA PHE B 179 -11.02 39.29 4.44
C PHE B 179 -9.79 39.24 3.51
N PRO B 180 -9.09 38.12 3.47
CA PRO B 180 -7.86 38.05 2.66
C PRO B 180 -8.16 38.23 1.17
N ALA B 181 -7.23 38.88 0.48
CA ALA B 181 -7.37 39.08 -0.95
C ALA B 181 -7.16 37.76 -1.69
N VAL B 182 -7.67 37.71 -2.93
CA VAL B 182 -7.52 36.56 -3.79
C VAL B 182 -7.08 37.03 -5.16
N LEU B 183 -6.35 36.16 -5.87
CA LEU B 183 -5.92 36.45 -7.22
C LEU B 183 -7.08 36.18 -8.19
N GLN B 184 -7.30 37.12 -9.10
CA GLN B 184 -8.40 37.03 -10.05
C GLN B 184 -7.89 36.50 -11.38
N SER B 185 -8.79 36.45 -12.36
CA SER B 185 -8.42 35.95 -13.69
C SER B 185 -7.35 36.81 -14.35
N SER B 186 -7.37 38.12 -14.08
CA SER B 186 -6.38 39.03 -14.63
C SER B 186 -5.03 38.93 -13.95
N GLY B 187 -4.92 38.15 -12.88
CA GLY B 187 -3.70 38.09 -12.10
C GLY B 187 -3.54 39.22 -11.11
N LEU B 188 -4.60 39.96 -10.84
CA LEU B 188 -4.59 41.08 -9.90
C LEU B 188 -5.14 40.61 -8.56
N TYR B 189 -5.30 41.57 -7.64
CA TYR B 189 -5.77 41.27 -6.30
C TYR B 189 -6.98 42.14 -5.96
N SER B 190 -7.84 41.63 -5.08
CA SER B 190 -9.01 42.36 -4.63
C SER B 190 -9.44 41.83 -3.28
N LEU B 191 -9.90 42.72 -2.42
CA LEU B 191 -10.46 42.35 -1.13
C LEU B 191 -11.45 43.43 -0.71
N SER B 192 -12.06 43.21 0.46
CA SER B 192 -12.99 44.18 1.03
C SER B 192 -12.78 44.23 2.54
N SER B 193 -12.85 45.43 3.10
CA SER B 193 -12.80 45.65 4.53
C SER B 193 -14.18 46.13 4.99
N VAL B 194 -14.78 45.39 5.90
CA VAL B 194 -16.17 45.64 6.30
C VAL B 194 -16.23 45.77 7.81
N VAL B 195 -16.88 46.84 8.29
CA VAL B 195 -17.05 47.08 9.71
C VAL B 195 -18.55 47.15 10.02
N THR B 196 -18.93 46.60 11.16
CA THR B 196 -20.33 46.58 11.59
C THR B 196 -20.56 47.64 12.66
N VAL B 197 -21.61 48.43 12.47
CA VAL B 197 -22.00 49.48 13.42
C VAL B 197 -23.51 49.48 13.58
N PRO B 198 -24.00 49.95 14.72
CA PRO B 198 -25.44 49.92 14.94
C PRO B 198 -26.24 51.00 14.22
N SER B 199 -27.55 50.79 14.15
CA SER B 199 -28.41 51.59 13.29
C SER B 199 -28.42 53.06 13.69
N SER B 200 -28.26 53.36 14.98
CA SER B 200 -28.30 54.74 15.41
C SER B 200 -27.13 55.55 14.87
N SER B 201 -26.01 54.89 14.54
CA SER B 201 -24.82 55.59 14.08
C SER B 201 -24.92 56.05 12.63
N LEU B 202 -25.92 55.59 11.89
CA LEU B 202 -26.04 55.94 10.47
C LEU B 202 -26.50 57.39 10.35
N GLY B 203 -25.68 58.22 9.70
CA GLY B 203 -25.98 59.62 9.52
C GLY B 203 -25.46 60.53 10.61
N THR B 204 -24.91 59.97 11.69
CA THR B 204 -24.41 60.78 12.80
C THR B 204 -22.89 60.82 12.89
N GLN B 205 -22.19 59.87 12.27
CA GLN B 205 -20.73 59.82 12.30
C GLN B 205 -20.19 59.73 10.89
N THR B 206 -19.11 60.46 10.63
CA THR B 206 -18.45 60.43 9.34
C THR B 206 -17.36 59.36 9.35
N TYR B 207 -17.43 58.44 8.38
CA TYR B 207 -16.53 57.29 8.32
C TYR B 207 -15.70 57.38 7.05
N ILE B 208 -14.38 57.25 7.20
CA ILE B 208 -13.44 57.28 6.09
C ILE B 208 -12.52 56.07 6.18
N CYS B 209 -12.20 55.48 5.04
CA CYS B 209 -11.26 54.37 4.96
C CYS B 209 -10.04 54.82 4.17
N ASN B 210 -8.86 54.47 4.68
CA ASN B 210 -7.59 54.86 4.09
C ASN B 210 -6.88 53.62 3.57
N VAL B 211 -6.48 53.66 2.30
CA VAL B 211 -5.83 52.54 1.64
C VAL B 211 -4.42 52.98 1.25
N ASN B 212 -3.43 52.19 1.65
CA ASN B 212 -2.03 52.51 1.39
C ASN B 212 -1.34 51.30 0.78
N HIS B 213 -0.60 51.54 -0.31
CA HIS B 213 0.15 50.51 -1.02
C HIS B 213 1.60 50.97 -1.15
N LYS B 214 2.50 50.29 -0.43
CA LYS B 214 3.91 50.67 -0.47
C LYS B 214 4.54 50.49 -1.84
N PRO B 215 4.41 49.33 -2.51
CA PRO B 215 5.12 49.19 -3.80
C PRO B 215 4.73 50.23 -4.83
N SER B 216 3.46 50.62 -4.86
CA SER B 216 3.03 51.72 -5.73
C SER B 216 3.14 53.07 -5.04
N ASN B 217 3.43 53.10 -3.74
CA ASN B 217 3.55 54.34 -2.97
C ASN B 217 2.29 55.19 -3.11
N THR B 218 1.14 54.54 -3.01
CA THR B 218 -0.15 55.19 -3.24
C THR B 218 -0.94 55.23 -1.94
N LYS B 219 -1.50 56.40 -1.62
CA LYS B 219 -2.35 56.58 -0.46
C LYS B 219 -3.63 57.25 -0.91
N VAL B 220 -4.77 56.67 -0.53
CA VAL B 220 -6.08 57.18 -0.93
C VAL B 220 -7.02 57.15 0.26
N ASP B 221 -7.87 58.18 0.37
CA ASP B 221 -8.87 58.29 1.42
C ASP B 221 -10.24 58.32 0.77
N LYS B 222 -11.16 57.49 1.26
CA LYS B 222 -12.49 57.39 0.68
C LYS B 222 -13.55 57.41 1.77
N LYS B 223 -14.53 58.29 1.61
CA LYS B 223 -15.65 58.37 2.55
C LYS B 223 -16.63 57.22 2.29
N VAL B 224 -17.23 56.72 3.37
CA VAL B 224 -18.21 55.64 3.29
C VAL B 224 -19.53 56.20 3.80
N GLU B 225 -20.57 56.12 2.96
CA GLU B 225 -21.90 56.60 3.31
C GLU B 225 -22.93 55.57 2.90
N PRO B 226 -23.79 55.13 3.81
CA PRO B 226 -24.88 54.21 3.43
C PRO B 226 -25.86 54.91 2.50
N LYS B 227 -25.99 54.40 1.28
CA LYS B 227 -26.77 55.06 0.25
C LYS B 227 -28.22 55.23 0.69
N SER B 228 -28.62 56.48 0.89
CA SER B 228 -30.00 56.81 1.27
C SER B 228 -30.87 56.79 0.02
N CYS B 229 -31.56 55.68 -0.20
CA CYS B 229 -32.44 55.52 -1.36
C CYS B 229 -33.72 56.32 -1.14
N ASP B 230 -33.58 57.64 -1.27
CA ASP B 230 -34.67 58.57 -1.07
C ASP B 230 -35.19 59.05 -2.42
N LYS B 231 -36.49 58.92 -2.64
CA LYS B 231 -37.15 59.34 -3.88
C LYS B 231 -36.52 58.65 -5.09
N GLN C 1 7.60 6.51 -10.23
CA GLN C 1 8.02 7.36 -9.12
C GLN C 1 7.16 7.04 -7.89
N THR C 2 7.83 6.80 -6.76
CA THR C 2 7.13 6.36 -5.56
C THR C 2 6.29 7.49 -4.97
N VAL C 3 5.10 7.14 -4.49
CA VAL C 3 4.17 8.08 -3.89
C VAL C 3 3.76 7.54 -2.52
N VAL C 4 3.81 8.40 -1.51
CA VAL C 4 3.44 8.03 -0.14
C VAL C 4 1.99 8.45 0.10
N THR C 5 1.21 7.54 0.67
CA THR C 5 -0.22 7.75 0.85
C THR C 5 -0.53 8.02 2.31
N GLN C 6 -1.46 8.95 2.54
CA GLN C 6 -1.93 9.29 3.87
C GLN C 6 -3.43 9.55 3.85
N GLU C 7 -4.05 9.38 5.01
CA GLU C 7 -5.47 9.66 5.13
C GLU C 7 -5.72 11.16 5.05
N PRO C 8 -6.82 11.59 4.43
CA PRO C 8 -7.06 13.05 4.32
C PRO C 8 -7.23 13.77 5.65
N SER C 9 -8.19 13.38 6.47
CA SER C 9 -8.47 14.13 7.69
C SER C 9 -9.29 13.28 8.67
N PHE C 10 -8.99 13.44 9.96
CA PHE C 10 -9.73 12.83 11.04
C PHE C 10 -10.24 13.89 12.01
N SER C 11 -11.34 13.59 12.68
CA SER C 11 -11.90 14.42 13.74
C SER C 11 -12.26 13.54 14.93
N VAL C 12 -11.75 13.88 16.10
CA VAL C 12 -11.88 13.05 17.30
C VAL C 12 -12.22 13.95 18.48
N SER C 13 -13.07 13.46 19.37
CA SER C 13 -13.44 14.18 20.57
C SER C 13 -12.23 14.28 21.51
N PRO C 14 -12.20 15.31 22.37
CA PRO C 14 -11.04 15.49 23.26
C PRO C 14 -10.89 14.34 24.23
N GLY C 15 -9.63 14.06 24.60
CA GLY C 15 -9.31 13.06 25.59
C GLY C 15 -9.19 11.65 25.07
N GLY C 16 -9.46 11.41 23.79
CA GLY C 16 -9.38 10.08 23.22
C GLY C 16 -8.00 9.73 22.72
N THR C 17 -7.87 8.50 22.23
CA THR C 17 -6.65 7.99 21.64
C THR C 17 -6.91 7.64 20.17
N VAL C 18 -6.09 8.19 19.29
CA VAL C 18 -6.29 8.04 17.85
C VAL C 18 -4.98 7.59 17.22
N THR C 19 -5.09 6.92 16.07
CA THR C 19 -3.93 6.45 15.31
C THR C 19 -3.93 7.10 13.93
N LEU C 20 -2.76 7.57 13.52
CA LEU C 20 -2.55 8.14 12.19
C LEU C 20 -1.57 7.25 11.44
N THR C 21 -1.87 6.97 10.17
CA THR C 21 -1.12 6.01 9.38
C THR C 21 -0.53 6.68 8.15
N CYS C 22 0.69 6.28 7.81
CA CYS C 22 1.35 6.69 6.57
C CYS C 22 1.86 5.44 5.87
N GLY C 23 1.47 5.27 4.60
CA GLY C 23 1.74 4.03 3.90
C GLY C 23 2.43 4.26 2.56
N LEU C 24 2.92 3.14 2.01
CA LEU C 24 3.59 3.13 0.72
C LEU C 24 2.78 2.30 -0.28
N SER C 25 2.49 2.89 -1.44
CA SER C 25 1.70 2.20 -2.45
C SER C 25 2.51 1.21 -3.27
N SER C 26 3.85 1.27 -3.18
CA SER C 26 4.71 0.43 -4.00
C SER C 26 5.34 -0.73 -3.25
N GLY C 27 5.17 -0.80 -1.94
CA GLY C 27 5.75 -1.90 -1.18
C GLY C 27 5.68 -1.64 0.30
N SER C 28 6.47 -2.40 1.05
CA SER C 28 6.50 -2.33 2.49
C SER C 28 7.40 -1.20 2.97
N VAL C 29 7.08 -0.66 4.14
CA VAL C 29 7.88 0.37 4.78
C VAL C 29 8.66 -0.26 5.93
N SER C 30 9.98 -0.10 5.91
CA SER C 30 10.84 -0.62 6.96
C SER C 30 11.50 0.54 7.69
N THR C 31 12.06 0.23 8.86
CA THR C 31 12.73 1.26 9.66
C THR C 31 13.94 1.83 8.94
N ALA C 32 14.45 1.13 7.92
CA ALA C 32 15.54 1.68 7.12
C ALA C 32 15.12 2.97 6.43
N TYR C 33 13.88 3.04 5.95
CA TYR C 33 13.37 4.26 5.35
C TYR C 33 13.26 5.39 6.37
N PHE C 34 13.32 5.08 7.66
CA PHE C 34 13.39 6.07 8.74
C PHE C 34 12.20 7.02 8.69
N PRO C 35 11.01 6.57 9.08
CA PRO C 35 9.86 7.48 9.12
C PRO C 35 10.10 8.63 10.09
N SER C 36 9.61 9.80 9.71
CA SER C 36 9.63 10.96 10.59
C SER C 36 8.26 11.63 10.55
N TRP C 37 7.85 12.23 11.66
CA TRP C 37 6.54 12.85 11.77
C TRP C 37 6.68 14.29 12.21
N TYR C 38 6.08 15.21 11.44
CA TYR C 38 6.12 16.64 11.70
C TYR C 38 4.70 17.19 11.73
N GLN C 39 4.53 18.31 12.43
CA GLN C 39 3.25 19.01 12.49
C GLN C 39 3.43 20.46 12.07
N GLN C 40 2.38 21.01 11.44
CA GLN C 40 2.40 22.37 10.93
C GLN C 40 1.07 23.04 11.21
N THR C 41 1.13 24.29 11.68
CA THR C 41 -0.05 25.15 11.75
C THR C 41 0.03 26.14 10.61
N PRO C 42 -1.07 26.39 9.89
CA PRO C 42 -1.00 27.25 8.70
C PRO C 42 -0.46 28.63 9.04
N GLY C 43 0.39 29.15 8.17
CA GLY C 43 1.00 30.45 8.35
C GLY C 43 2.18 30.48 9.30
N GLN C 44 2.60 29.34 9.83
CA GLN C 44 3.70 29.28 10.78
C GLN C 44 4.73 28.26 10.29
N ALA C 45 5.77 28.06 11.09
CA ALA C 45 6.78 27.08 10.72
C ALA C 45 6.50 25.75 11.40
N PRO C 46 6.66 24.64 10.69
CA PRO C 46 6.44 23.33 11.31
C PRO C 46 7.42 23.04 12.42
N ARG C 47 6.99 22.18 13.34
CA ARG C 47 7.77 21.80 14.51
C ARG C 47 8.05 20.31 14.48
N THR C 48 9.29 19.94 14.86
CA THR C 48 9.68 18.54 14.86
C THR C 48 8.95 17.77 15.96
N LEU C 49 8.27 16.70 15.57
CA LEU C 49 7.61 15.83 16.54
C LEU C 49 8.39 14.54 16.79
N ILE C 50 8.60 13.74 15.75
CA ILE C 50 9.14 12.39 15.92
C ILE C 50 10.20 12.13 14.88
N TYR C 51 11.39 11.72 15.32
CA TYR C 51 12.39 11.11 14.46
C TYR C 51 12.91 9.87 15.18
N GLY C 52 13.45 8.93 14.40
CA GLY C 52 13.86 7.66 14.94
C GLY C 52 12.76 6.65 15.12
N THR C 53 11.51 7.02 14.80
CA THR C 53 10.35 6.15 14.76
C THR C 53 9.91 5.76 16.17
N ASN C 54 10.74 6.08 17.17
CA ASN C 54 10.34 5.90 18.56
C ASN C 54 10.86 6.98 19.49
N THR C 55 11.54 8.00 18.98
CA THR C 55 12.18 9.02 19.81
C THR C 55 11.45 10.34 19.64
N ARG C 56 11.13 10.99 20.77
CA ARG C 56 10.45 12.27 20.77
C ARG C 56 11.47 13.40 20.75
N SER C 57 11.11 14.49 20.06
CA SER C 57 11.99 15.64 19.99
C SER C 57 12.10 16.31 21.36
N SER C 58 13.09 17.19 21.49
CA SER C 58 13.34 17.86 22.76
C SER C 58 12.15 18.72 23.15
N GLY C 59 11.66 18.52 24.37
CA GLY C 59 10.53 19.27 24.88
C GLY C 59 9.17 18.75 24.47
N VAL C 60 9.12 17.71 23.63
CA VAL C 60 7.83 17.19 23.17
C VAL C 60 7.17 16.41 24.31
N PRO C 61 5.89 16.65 24.59
CA PRO C 61 5.21 15.86 25.63
C PRO C 61 5.14 14.40 25.26
N ASP C 62 5.12 13.54 26.28
CA ASP C 62 5.13 12.10 26.09
C ASP C 62 3.80 11.54 25.61
N ARG C 63 2.80 12.38 25.34
CA ARG C 63 1.49 11.90 24.91
C ARG C 63 1.48 11.36 23.49
N PHE C 64 2.55 11.53 22.73
CA PHE C 64 2.64 11.06 21.36
C PHE C 64 3.65 9.93 21.25
N SER C 65 3.27 8.86 20.54
CA SER C 65 4.17 7.72 20.37
C SER C 65 4.21 7.32 18.91
N GLY C 66 5.36 6.82 18.46
CA GLY C 66 5.53 6.37 17.09
C GLY C 66 5.90 4.90 17.05
N SER C 67 5.46 4.21 16.00
CA SER C 67 5.77 2.79 15.84
C SER C 67 5.50 2.40 14.39
N ILE C 68 5.66 1.11 14.10
CA ILE C 68 5.37 0.54 12.79
C ILE C 68 4.30 -0.52 12.96
N LEU C 69 3.27 -0.47 12.11
CA LEU C 69 2.17 -1.42 12.15
C LEU C 69 2.03 -2.02 10.76
N GLY C 70 2.33 -3.31 10.64
CA GLY C 70 2.34 -3.96 9.35
C GLY C 70 3.39 -3.35 8.44
N ASN C 71 2.97 -2.59 7.44
CA ASN C 71 3.87 -1.87 6.56
C ASN C 71 3.63 -0.36 6.60
N LYS C 72 2.97 0.12 7.66
CA LYS C 72 2.56 1.52 7.74
C LYS C 72 3.15 2.16 8.99
N ALA C 73 3.71 3.36 8.83
CA ALA C 73 4.16 4.11 9.99
C ALA C 73 2.96 4.63 10.75
N ALA C 74 2.96 4.42 12.07
CA ALA C 74 1.80 4.70 12.90
C ALA C 74 2.18 5.67 14.01
N LEU C 75 1.32 6.68 14.21
CA LEU C 75 1.45 7.65 15.30
C LEU C 75 0.23 7.51 16.20
N THR C 76 0.46 7.28 17.48
CA THR C 76 -0.60 7.13 18.47
C THR C 76 -0.64 8.36 19.36
N ILE C 77 -1.84 8.92 19.52
CA ILE C 77 -2.05 10.11 20.33
C ILE C 77 -3.05 9.76 21.43
N THR C 78 -2.67 10.05 22.67
CA THR C 78 -3.51 9.76 23.83
C THR C 78 -3.89 11.08 24.50
N GLY C 79 -5.18 11.21 24.82
CA GLY C 79 -5.66 12.42 25.46
C GLY C 79 -5.74 13.60 24.53
N ALA C 80 -6.65 13.54 23.56
CA ALA C 80 -6.77 14.60 22.56
C ALA C 80 -7.00 15.96 23.22
N GLN C 81 -6.28 16.96 22.74
CA GLN C 81 -6.33 18.31 23.30
C GLN C 81 -6.53 19.30 22.16
N ALA C 82 -7.12 20.46 22.49
CA ALA C 82 -7.57 21.40 21.47
C ALA C 82 -6.42 21.90 20.61
N ASP C 83 -5.25 22.17 21.23
CA ASP C 83 -4.14 22.72 20.48
C ASP C 83 -3.56 21.73 19.47
N ASP C 84 -3.92 20.46 19.58
CA ASP C 84 -3.36 19.44 18.69
C ASP C 84 -3.93 19.47 17.28
N GLU C 85 -5.03 20.20 17.05
CA GLU C 85 -5.59 20.26 15.71
C GLU C 85 -4.66 21.04 14.79
N SER C 86 -4.23 20.39 13.71
CA SER C 86 -3.17 20.94 12.85
C SER C 86 -2.99 20.00 11.67
N ASP C 87 -2.11 20.40 10.75
CA ASP C 87 -1.72 19.50 9.67
C ASP C 87 -0.55 18.65 10.13
N TYR C 88 -0.53 17.40 9.67
CA TYR C 88 0.50 16.45 10.06
C TYR C 88 1.06 15.78 8.82
N TYR C 89 2.37 15.56 8.83
CA TYR C 89 3.13 15.16 7.66
C TYR C 89 4.10 14.05 8.04
N CYS C 90 4.20 13.04 7.17
CA CYS C 90 5.22 12.00 7.31
C CYS C 90 6.33 12.24 6.30
N VAL C 91 7.54 11.85 6.67
CA VAL C 91 8.72 12.00 5.84
C VAL C 91 9.41 10.64 5.74
N LEU C 92 9.67 10.21 4.51
CA LEU C 92 10.31 8.92 4.25
C LEU C 92 11.53 9.15 3.37
N TYR C 93 12.52 8.27 3.51
CA TYR C 93 13.83 8.46 2.91
C TYR C 93 14.14 7.36 1.91
N MET C 94 14.44 7.75 0.67
CA MET C 94 15.06 6.88 -0.32
C MET C 94 16.53 7.28 -0.41
N GLY C 95 17.40 6.29 -0.63
CA GLY C 95 18.83 6.51 -0.53
C GLY C 95 19.43 7.60 -1.40
N ARG C 96 20.23 8.47 -0.78
CA ARG C 96 21.10 9.43 -1.45
C ARG C 96 20.29 10.38 -2.35
N GLY C 97 19.50 11.21 -1.70
CA GLY C 97 18.93 12.39 -2.33
C GLY C 97 17.48 12.30 -2.75
N ILE C 98 16.74 11.30 -2.29
CA ILE C 98 15.32 11.16 -2.61
C ILE C 98 14.58 11.01 -1.29
N VAL C 99 14.01 12.12 -0.81
CA VAL C 99 13.18 12.11 0.39
C VAL C 99 11.81 12.62 0.01
N VAL C 100 10.77 11.93 0.48
CA VAL C 100 9.41 12.16 0.03
C VAL C 100 8.51 12.40 1.23
N PHE C 101 7.44 13.17 1.01
CA PHE C 101 6.42 13.42 2.01
C PHE C 101 5.11 12.78 1.58
N GLY C 102 4.22 12.60 2.56
CA GLY C 102 2.91 12.05 2.30
C GLY C 102 1.91 13.11 1.85
N GLY C 103 0.65 12.67 1.74
CA GLY C 103 -0.40 13.55 1.28
C GLY C 103 -0.85 14.57 2.32
N GLY C 104 -0.45 14.39 3.57
CA GLY C 104 -0.88 15.27 4.63
C GLY C 104 -2.17 14.81 5.27
N THR C 105 -2.33 15.17 6.54
CA THR C 105 -3.57 14.86 7.25
C THR C 105 -3.93 15.99 8.20
N LYS C 106 -5.16 16.48 8.09
CA LYS C 106 -5.64 17.53 8.99
C LYS C 106 -6.36 16.87 10.16
N LEU C 107 -5.83 17.06 11.37
CA LEU C 107 -6.40 16.51 12.58
C LEU C 107 -7.15 17.61 13.31
N THR C 108 -8.42 17.37 13.62
CA THR C 108 -9.29 18.33 14.28
C THR C 108 -9.91 17.70 15.51
N VAL C 109 -10.01 18.48 16.58
CA VAL C 109 -10.59 18.01 17.83
C VAL C 109 -12.03 18.49 17.90
N LEU C 110 -12.95 17.57 18.20
CA LEU C 110 -14.38 17.88 18.23
C LEU C 110 -14.67 18.71 19.47
N GLY C 111 -14.71 20.03 19.31
CA GLY C 111 -14.95 20.91 20.43
C GLY C 111 -16.28 21.64 20.36
N GLN C 112 -16.24 22.90 19.94
CA GLN C 112 -17.44 23.71 19.88
C GLN C 112 -18.42 23.16 18.85
N PRO C 113 -19.72 23.23 19.12
CA PRO C 113 -20.71 22.77 18.12
C PRO C 113 -20.88 23.73 16.96
N LYS C 114 -21.88 23.46 16.12
CA LYS C 114 -22.14 24.25 14.92
C LYS C 114 -22.34 25.72 15.26
N ALA C 115 -21.82 26.59 14.40
CA ALA C 115 -21.97 28.03 14.52
C ALA C 115 -22.79 28.55 13.34
N ALA C 116 -23.80 29.37 13.64
CA ALA C 116 -24.71 29.85 12.60
C ALA C 116 -23.99 30.82 11.66
N PRO C 117 -24.03 30.60 10.35
CA PRO C 117 -23.39 31.53 9.43
C PRO C 117 -24.15 32.83 9.29
N SER C 118 -23.42 33.86 8.84
CA SER C 118 -23.96 35.21 8.65
C SER C 118 -23.71 35.64 7.22
N VAL C 119 -24.78 36.03 6.52
CA VAL C 119 -24.72 36.37 5.10
C VAL C 119 -24.93 37.87 4.95
N THR C 120 -24.06 38.52 4.19
CA THR C 120 -24.24 39.93 3.87
C THR C 120 -23.87 40.16 2.41
N LEU C 121 -24.74 40.83 1.66
CA LEU C 121 -24.53 40.99 0.22
C LEU C 121 -24.51 42.47 -0.13
N PHE C 122 -23.68 42.82 -1.11
CA PHE C 122 -23.52 44.20 -1.55
C PHE C 122 -23.65 44.24 -3.06
N PRO C 123 -24.61 45.00 -3.60
CA PRO C 123 -24.70 45.18 -5.04
C PRO C 123 -23.66 46.17 -5.53
N PRO C 124 -23.43 46.26 -6.83
CA PRO C 124 -22.45 47.23 -7.34
C PRO C 124 -22.83 48.66 -6.99
N SER C 125 -21.82 49.46 -6.66
CA SER C 125 -22.05 50.85 -6.32
C SER C 125 -22.34 51.67 -7.57
N SER C 126 -22.92 52.86 -7.35
CA SER C 126 -23.26 53.72 -8.48
C SER C 126 -22.03 54.14 -9.25
N GLU C 127 -20.95 54.49 -8.54
CA GLU C 127 -19.72 54.86 -9.21
C GLU C 127 -19.16 53.71 -10.04
N GLU C 128 -19.20 52.49 -9.49
CA GLU C 128 -18.71 51.33 -10.22
C GLU C 128 -19.54 51.06 -11.46
N LEU C 129 -20.87 51.19 -11.35
CA LEU C 129 -21.73 51.03 -12.52
C LEU C 129 -21.44 52.09 -13.57
N GLN C 130 -21.18 53.32 -13.13
CA GLN C 130 -20.80 54.37 -14.08
C GLN C 130 -19.47 54.04 -14.76
N ALA C 131 -18.65 53.22 -14.14
CA ALA C 131 -17.39 52.75 -14.72
C ALA C 131 -17.61 51.57 -15.67
N ASN C 132 -18.85 51.29 -16.05
CA ASN C 132 -19.18 50.23 -17.00
C ASN C 132 -18.69 48.86 -16.50
N LYS C 133 -18.75 48.66 -15.18
CA LYS C 133 -18.29 47.44 -14.55
C LYS C 133 -19.19 47.13 -13.36
N ALA C 134 -19.51 45.86 -13.18
CA ALA C 134 -20.44 45.47 -12.12
C ALA C 134 -19.87 44.27 -11.36
N THR C 135 -19.98 44.33 -10.03
CA THR C 135 -19.57 43.21 -9.19
C THR C 135 -20.44 43.17 -7.94
N LEU C 136 -21.07 42.02 -7.70
CA LEU C 136 -21.84 41.77 -6.50
C LEU C 136 -21.01 40.93 -5.53
N VAL C 137 -21.00 41.34 -4.26
CA VAL C 137 -20.16 40.71 -3.25
C VAL C 137 -21.06 40.06 -2.21
N CYS C 138 -21.04 38.73 -2.15
CA CYS C 138 -21.82 37.99 -1.15
C CYS C 138 -20.82 37.38 -0.16
N LEU C 139 -20.76 37.94 1.05
CA LEU C 139 -19.79 37.54 2.06
C LEU C 139 -20.47 36.71 3.14
N ILE C 140 -19.76 35.67 3.58
CA ILE C 140 -20.19 34.78 4.64
C ILE C 140 -19.21 34.93 5.81
N SER C 141 -19.75 35.00 7.02
CA SER C 141 -18.92 35.23 8.19
C SER C 141 -19.42 34.36 9.34
N ASP C 142 -18.48 33.96 10.19
CA ASP C 142 -18.78 33.23 11.43
C ASP C 142 -19.51 31.92 11.14
N PHE C 143 -18.89 31.07 10.32
CA PHE C 143 -19.39 29.73 10.06
C PHE C 143 -18.35 28.71 10.50
N TYR C 144 -18.83 27.59 11.04
CA TYR C 144 -17.94 26.56 11.58
C TYR C 144 -18.62 25.20 11.42
N PRO C 145 -17.98 24.23 10.75
CA PRO C 145 -16.63 24.28 10.17
C PRO C 145 -16.55 25.01 8.83
N GLY C 146 -15.43 24.85 8.14
CA GLY C 146 -15.19 25.52 6.88
C GLY C 146 -15.79 24.88 5.66
N ALA C 147 -16.42 23.72 5.81
CA ALA C 147 -17.07 23.05 4.67
C ALA C 147 -18.24 23.90 4.22
N VAL C 148 -18.12 24.51 3.03
CA VAL C 148 -19.10 25.47 2.55
C VAL C 148 -19.23 25.32 1.04
N THR C 149 -20.44 25.54 0.54
CA THR C 149 -20.72 25.53 -0.89
C THR C 149 -21.51 26.78 -1.25
N VAL C 150 -21.28 27.30 -2.46
CA VAL C 150 -21.92 28.53 -2.89
C VAL C 150 -22.59 28.31 -4.25
N ALA C 151 -23.62 29.11 -4.52
CA ALA C 151 -24.28 29.10 -5.81
C ALA C 151 -24.91 30.46 -6.05
N TRP C 152 -25.17 30.76 -7.33
CA TRP C 152 -25.75 32.03 -7.72
C TRP C 152 -26.91 31.81 -8.67
N LYS C 153 -27.99 32.55 -8.46
CA LYS C 153 -29.18 32.47 -9.29
C LYS C 153 -29.56 33.84 -9.81
N ALA C 154 -29.94 33.89 -11.08
CA ALA C 154 -30.49 35.09 -11.70
C ALA C 154 -31.81 34.69 -12.35
N ASP C 155 -32.92 35.30 -11.89
CA ASP C 155 -34.25 34.92 -12.32
C ASP C 155 -34.49 33.42 -12.16
N SER C 156 -34.02 32.89 -11.02
CA SER C 156 -34.09 31.48 -10.65
C SER C 156 -33.28 30.58 -11.56
N SER C 157 -32.39 31.14 -12.38
CA SER C 157 -31.55 30.30 -13.22
C SER C 157 -30.12 30.27 -12.70
N PRO C 158 -29.49 29.10 -12.64
CA PRO C 158 -28.11 29.03 -12.14
C PRO C 158 -27.16 29.84 -13.01
N VAL C 159 -26.19 30.48 -12.37
CA VAL C 159 -25.19 31.29 -13.05
C VAL C 159 -23.81 30.82 -12.61
N LYS C 160 -22.95 30.54 -13.59
CA LYS C 160 -21.59 30.09 -13.33
C LYS C 160 -20.52 30.99 -13.96
N ALA C 161 -20.90 32.07 -14.62
CA ALA C 161 -19.96 32.95 -15.29
C ALA C 161 -19.71 34.19 -14.46
N GLY C 162 -18.46 34.64 -14.44
CA GLY C 162 -18.10 35.81 -13.65
C GLY C 162 -18.02 35.58 -12.17
N VAL C 163 -18.04 34.34 -11.72
CA VAL C 163 -18.06 34.01 -10.29
C VAL C 163 -16.65 33.62 -9.86
N GLU C 164 -16.23 34.16 -8.72
CA GLU C 164 -14.95 33.82 -8.10
C GLU C 164 -15.17 33.63 -6.61
N THR C 165 -14.52 32.60 -6.06
CA THR C 165 -14.70 32.21 -4.67
C THR C 165 -13.42 32.45 -3.89
N THR C 166 -13.58 32.70 -2.60
CA THR C 166 -12.47 32.90 -1.68
C THR C 166 -12.40 31.74 -0.70
N THR C 167 -11.20 31.22 -0.49
CA THR C 167 -11.01 30.11 0.44
C THR C 167 -11.31 30.58 1.87
N PRO C 168 -12.09 29.83 2.64
CA PRO C 168 -12.38 30.24 4.02
C PRO C 168 -11.12 30.37 4.84
N SER C 169 -11.09 31.40 5.70
CA SER C 169 -9.96 31.67 6.56
C SER C 169 -10.44 31.82 8.00
N LYS C 170 -9.68 31.25 8.93
CA LYS C 170 -10.05 31.29 10.34
C LYS C 170 -9.95 32.70 10.87
N GLN C 171 -10.96 33.13 11.61
CA GLN C 171 -11.03 34.47 12.17
C GLN C 171 -10.61 34.48 13.64
N SER C 172 -10.48 35.68 14.20
CA SER C 172 -10.05 35.82 15.58
C SER C 172 -11.04 35.19 16.56
N ASN C 173 -12.30 35.06 16.18
CA ASN C 173 -13.32 34.46 17.03
C ASN C 173 -13.44 32.95 16.84
N ASN C 174 -12.36 32.29 16.38
CA ASN C 174 -12.34 30.85 16.15
C ASN C 174 -13.39 30.42 15.13
N LYS C 175 -13.71 31.31 14.20
CA LYS C 175 -14.66 31.04 13.13
C LYS C 175 -14.02 31.33 11.79
N TYR C 176 -14.70 30.95 10.72
CA TYR C 176 -14.22 31.15 9.36
C TYR C 176 -15.07 32.19 8.66
N ALA C 177 -14.47 32.87 7.69
CA ALA C 177 -15.16 33.87 6.90
C ALA C 177 -14.57 33.89 5.50
N ALA C 178 -15.40 34.28 4.54
CA ALA C 178 -15.01 34.30 3.12
C ALA C 178 -16.03 35.13 2.37
N SER C 179 -15.88 35.17 1.04
CA SER C 179 -16.82 35.91 0.21
C SER C 179 -16.76 35.37 -1.21
N SER C 180 -17.78 35.73 -1.99
CA SER C 180 -17.85 35.39 -3.41
C SER C 180 -18.12 36.65 -4.21
N TYR C 181 -17.45 36.77 -5.34
CA TYR C 181 -17.56 37.93 -6.22
C TYR C 181 -18.20 37.51 -7.53
N LEU C 182 -19.28 38.16 -7.92
CA LEU C 182 -19.94 37.93 -9.19
C LEU C 182 -19.67 39.13 -10.09
N SER C 183 -18.94 38.90 -11.17
CA SER C 183 -18.53 39.96 -12.10
C SER C 183 -19.46 39.93 -13.30
N LEU C 184 -20.21 41.02 -13.50
CA LEU C 184 -21.14 41.15 -14.60
C LEU C 184 -21.13 42.58 -15.12
N THR C 185 -21.55 42.72 -16.38
CA THR C 185 -21.69 44.03 -16.98
C THR C 185 -22.99 44.69 -16.54
N PRO C 186 -23.06 46.02 -16.55
CA PRO C 186 -24.30 46.70 -16.14
C PRO C 186 -25.51 46.32 -16.99
N GLU C 187 -25.33 46.05 -18.28
CA GLU C 187 -26.47 45.73 -19.14
C GLU C 187 -27.10 44.40 -18.73
N GLN C 188 -26.29 43.35 -18.59
CA GLN C 188 -26.83 42.08 -18.14
C GLN C 188 -27.22 42.10 -16.67
N TRP C 189 -26.67 43.04 -15.88
CA TRP C 189 -27.15 43.23 -14.52
C TRP C 189 -28.57 43.80 -14.54
N LYS C 190 -28.86 44.67 -15.50
CA LYS C 190 -30.23 45.12 -15.72
C LYS C 190 -31.10 44.05 -16.37
N SER C 191 -30.50 43.06 -17.03
CA SER C 191 -31.28 42.09 -17.81
C SER C 191 -32.21 41.28 -16.92
N HIS C 192 -31.73 40.82 -15.77
CA HIS C 192 -32.51 39.95 -14.90
C HIS C 192 -33.20 40.77 -13.81
N ARG C 193 -34.38 40.31 -13.40
CA ARG C 193 -35.16 41.03 -12.40
C ARG C 193 -34.61 40.86 -10.99
N SER C 194 -33.92 39.75 -10.71
CA SER C 194 -33.42 39.48 -9.37
C SER C 194 -32.10 38.72 -9.44
N TYR C 195 -31.31 38.84 -8.39
CA TYR C 195 -30.04 38.13 -8.26
C TYR C 195 -29.87 37.68 -6.82
N SER C 196 -29.55 36.40 -6.65
CA SER C 196 -29.48 35.77 -5.34
C SER C 196 -28.19 34.98 -5.21
N CYS C 197 -27.59 35.05 -4.02
CA CYS C 197 -26.49 34.18 -3.63
C CYS C 197 -27.00 33.20 -2.57
N GLN C 198 -26.71 31.92 -2.77
CA GLN C 198 -27.15 30.86 -1.88
C GLN C 198 -25.92 30.16 -1.31
N VAL C 199 -25.93 29.93 0.00
CA VAL C 199 -24.82 29.33 0.71
C VAL C 199 -25.33 28.07 1.43
N THR C 200 -24.58 26.98 1.28
CA THR C 200 -24.88 25.72 1.95
C THR C 200 -23.74 25.42 2.92
N HIS C 201 -24.09 25.23 4.18
CA HIS C 201 -23.10 24.98 5.24
C HIS C 201 -23.67 23.92 6.18
N GLU C 202 -23.07 22.73 6.15
CA GLU C 202 -23.47 21.61 7.01
C GLU C 202 -24.95 21.26 6.81
N GLY C 203 -25.44 21.40 5.58
CA GLY C 203 -26.83 21.13 5.28
C GLY C 203 -27.76 22.31 5.44
N SER C 204 -27.28 23.43 5.98
CA SER C 204 -28.10 24.61 6.15
C SER C 204 -27.98 25.49 4.90
N THR C 205 -29.12 25.82 4.30
CA THR C 205 -29.17 26.59 3.07
C THR C 205 -29.74 27.97 3.36
N VAL C 206 -29.00 29.01 2.95
CA VAL C 206 -29.41 30.40 3.14
C VAL C 206 -29.38 31.10 1.80
N GLU C 207 -30.49 31.76 1.46
CA GLU C 207 -30.62 32.54 0.24
C GLU C 207 -30.61 34.02 0.59
N LYS C 208 -29.97 34.83 -0.26
CA LYS C 208 -29.94 36.27 -0.04
C LYS C 208 -30.00 36.96 -1.39
N THR C 209 -30.96 37.88 -1.55
CA THR C 209 -31.33 38.39 -2.86
C THR C 209 -31.40 39.90 -2.88
N VAL C 210 -30.93 40.50 -3.97
CA VAL C 210 -31.20 41.90 -4.30
C VAL C 210 -31.62 41.98 -5.76
N ALA C 211 -32.25 43.11 -6.10
CA ALA C 211 -32.79 43.33 -7.43
C ALA C 211 -32.26 44.64 -8.01
N PRO C 212 -32.17 44.75 -9.33
CA PRO C 212 -31.73 46.02 -9.93
C PRO C 212 -32.64 47.18 -9.58
N THR C 213 -33.94 46.94 -9.38
CA THR C 213 -34.86 48.01 -9.01
C THR C 213 -34.48 48.65 -7.67
N GLU C 214 -33.78 47.92 -6.81
CA GLU C 214 -33.33 48.49 -5.55
C GLU C 214 -32.22 49.53 -5.77
N CYS C 215 -31.45 49.38 -6.85
CA CYS C 215 -30.34 50.29 -7.14
C CYS C 215 -30.73 51.36 -8.16
N SER C 216 -32.00 51.44 -8.52
CA SER C 216 -32.46 52.43 -9.49
C SER C 216 -32.84 53.73 -8.78
N MET D 2 14.08 -28.39 -6.75
CA MET D 2 13.35 -29.32 -7.60
C MET D 2 12.25 -30.04 -6.81
N GLN D 3 12.43 -30.12 -5.49
CA GLN D 3 11.51 -30.84 -4.62
C GLN D 3 10.90 -29.87 -3.63
N LEU D 4 9.57 -29.90 -3.52
CA LEU D 4 8.82 -29.03 -2.62
C LEU D 4 7.76 -29.87 -1.93
N VAL D 5 7.79 -29.89 -0.60
CA VAL D 5 6.97 -30.80 0.20
C VAL D 5 6.07 -29.98 1.12
N GLN D 6 4.81 -30.39 1.21
CA GLN D 6 3.81 -29.72 2.04
C GLN D 6 3.40 -30.62 3.19
N SER D 7 2.45 -30.13 3.99
CA SER D 7 1.89 -30.90 5.08
C SER D 7 0.88 -31.92 4.56
N GLY D 8 0.41 -32.76 5.47
CA GLY D 8 -0.56 -33.78 5.13
C GLY D 8 -1.99 -33.27 5.21
N PRO D 9 -2.95 -34.18 5.09
CA PRO D 9 -4.36 -33.76 5.15
C PRO D 9 -4.76 -33.42 6.58
N GLU D 10 -5.80 -32.60 6.68
CA GLU D 10 -6.27 -32.11 7.98
C GLU D 10 -7.79 -32.13 8.02
N VAL D 11 -8.35 -32.85 8.98
CA VAL D 11 -9.75 -32.73 9.35
C VAL D 11 -9.77 -32.01 10.69
N LYS D 12 -10.04 -30.70 10.66
CA LYS D 12 -9.76 -29.86 11.80
C LYS D 12 -11.02 -29.11 12.20
N LYS D 13 -11.14 -28.84 13.50
CA LYS D 13 -12.37 -28.27 14.03
C LYS D 13 -12.48 -26.80 13.61
N PRO D 14 -13.69 -26.33 13.34
CA PRO D 14 -13.85 -24.95 12.86
C PRO D 14 -13.65 -23.87 13.90
N GLY D 15 -12.42 -23.39 14.08
CA GLY D 15 -12.28 -22.17 14.86
C GLY D 15 -11.21 -22.00 15.93
N THR D 16 -10.08 -22.71 15.87
CA THR D 16 -8.97 -22.37 16.75
C THR D 16 -7.81 -21.71 16.01
N SER D 17 -7.22 -22.40 15.05
CA SER D 17 -5.97 -21.96 14.43
C SER D 17 -5.68 -22.87 13.25
N VAL D 18 -4.50 -22.69 12.65
CA VAL D 18 -4.09 -23.50 11.51
C VAL D 18 -2.57 -23.44 11.38
N LYS D 19 -1.97 -24.61 11.12
CA LYS D 19 -0.57 -24.74 10.76
C LYS D 19 -0.51 -25.22 9.31
N VAL D 20 0.30 -24.56 8.49
CA VAL D 20 0.59 -25.11 7.17
C VAL D 20 2.06 -24.84 6.84
N SER D 21 2.66 -25.75 6.09
CA SER D 21 4.10 -25.73 5.87
C SER D 21 4.43 -25.92 4.39
N CYS D 22 5.52 -25.27 3.96
CA CYS D 22 6.12 -25.51 2.66
C CYS D 22 7.62 -25.62 2.88
N LYS D 23 8.21 -26.78 2.56
CA LYS D 23 9.66 -26.92 2.65
C LYS D 23 10.22 -27.16 1.26
N ALA D 24 11.32 -26.48 0.95
CA ALA D 24 11.87 -26.45 -0.39
C ALA D 24 13.29 -27.02 -0.41
N SER D 25 13.69 -27.49 -1.58
CA SER D 25 15.02 -28.05 -1.78
C SER D 25 15.35 -28.01 -3.27
N GLY D 26 16.60 -28.35 -3.59
CA GLY D 26 17.05 -28.35 -4.96
C GLY D 26 17.54 -27.02 -5.48
N PHE D 27 17.66 -26.01 -4.63
CA PHE D 27 18.19 -24.71 -5.03
C PHE D 27 18.72 -24.00 -3.81
N THR D 28 19.50 -22.94 -4.06
CA THR D 28 20.07 -22.14 -2.99
C THR D 28 18.97 -21.32 -2.34
N PHE D 29 18.57 -21.72 -1.13
CA PHE D 29 17.53 -21.02 -0.39
C PHE D 29 18.08 -19.91 0.49
N THR D 30 19.24 -19.35 0.13
CA THR D 30 19.76 -18.20 0.85
C THR D 30 19.03 -16.92 0.48
N SER D 31 18.47 -16.86 -0.74
CA SER D 31 17.73 -15.68 -1.19
C SER D 31 16.79 -16.12 -2.30
N SER D 32 15.49 -15.99 -2.06
CA SER D 32 14.47 -16.42 -3.01
C SER D 32 13.16 -15.74 -2.62
N ALA D 33 12.05 -16.19 -3.21
CA ALA D 33 10.73 -15.68 -2.87
C ALA D 33 9.77 -16.85 -2.73
N VAL D 34 8.71 -16.65 -1.94
CA VAL D 34 7.68 -17.67 -1.78
C VAL D 34 6.32 -17.02 -1.94
N GLN D 35 5.36 -17.82 -2.41
CA GLN D 35 4.01 -17.35 -2.72
C GLN D 35 3.00 -18.30 -2.10
N TRP D 36 1.89 -17.75 -1.62
CA TRP D 36 0.79 -18.52 -1.06
C TRP D 36 -0.51 -18.06 -1.72
N VAL D 37 -1.30 -19.04 -2.18
CA VAL D 37 -2.53 -18.81 -2.91
C VAL D 37 -3.63 -19.69 -2.31
N ARG D 38 -4.85 -19.51 -2.81
CA ARG D 38 -6.00 -20.28 -2.38
C ARG D 38 -6.73 -20.84 -3.61
N GLN D 39 -7.16 -22.09 -3.51
CA GLN D 39 -7.88 -22.73 -4.60
C GLN D 39 -8.84 -23.77 -4.05
N ALA D 40 -10.10 -23.66 -4.45
CA ALA D 40 -11.12 -24.63 -4.09
C ALA D 40 -11.57 -25.39 -5.32
N ARG D 41 -12.16 -26.56 -5.12
CA ARG D 41 -12.56 -27.41 -6.23
C ARG D 41 -13.61 -26.72 -7.08
N GLY D 42 -13.39 -26.72 -8.40
CA GLY D 42 -14.31 -26.04 -9.31
C GLY D 42 -14.53 -24.58 -8.97
N GLN D 43 -13.46 -23.87 -8.65
CA GLN D 43 -13.60 -22.54 -8.07
C GLN D 43 -12.44 -21.65 -8.56
N ARG D 44 -12.65 -20.35 -8.41
CA ARG D 44 -11.67 -19.33 -8.78
C ARG D 44 -10.36 -19.55 -8.02
N LEU D 45 -9.29 -18.96 -8.56
CA LEU D 45 -7.98 -18.93 -7.93
C LEU D 45 -7.76 -17.56 -7.30
N GLU D 46 -7.34 -17.55 -6.04
CA GLU D 46 -7.22 -16.32 -5.28
C GLU D 46 -5.81 -16.16 -4.73
N TRP D 47 -5.35 -14.90 -4.69
CA TRP D 47 -4.06 -14.56 -4.14
C TRP D 47 -4.16 -14.39 -2.63
N ILE D 48 -3.13 -14.86 -1.92
CA ILE D 48 -3.12 -14.77 -0.47
C ILE D 48 -1.96 -13.91 0.01
N GLY D 49 -0.73 -14.33 -0.28
CA GLY D 49 0.42 -13.61 0.27
C GLY D 49 1.71 -13.95 -0.43
N TRP D 50 2.73 -13.16 -0.13
CA TRP D 50 4.07 -13.38 -0.65
C TRP D 50 5.08 -13.08 0.45
N ILE D 51 6.20 -13.80 0.44
CA ILE D 51 7.33 -13.44 1.26
C ILE D 51 8.53 -13.26 0.35
N VAL D 52 11.95 -14.04 -0.20
CA VAL D 52 11.52 -14.65 1.05
C VAL D 52 12.54 -14.44 2.17
N VAL D 53 13.63 -15.20 2.20
CA VAL D 53 14.59 -15.12 3.31
C VAL D 53 15.64 -14.08 2.92
N GLY D 54 15.24 -12.82 3.04
CA GLY D 54 16.19 -11.74 3.22
C GLY D 54 15.73 -10.91 4.40
N SER D 55 14.42 -10.91 4.63
CA SER D 55 13.78 -10.02 5.57
C SER D 55 12.32 -10.42 5.72
N GLY D 56 11.79 -10.32 6.93
CA GLY D 56 10.39 -10.55 7.12
C GLY D 56 9.57 -9.43 6.50
N ASN D 57 8.94 -9.71 5.37
CA ASN D 57 8.17 -8.71 4.63
C ASN D 57 7.05 -9.42 3.90
N THR D 58 5.88 -8.77 3.86
CA THR D 58 4.72 -9.38 3.23
C THR D 58 3.66 -8.33 3.00
N ASN D 59 2.70 -8.67 2.14
CA ASN D 59 1.47 -7.91 1.97
C ASN D 59 0.33 -8.91 1.83
N TYR D 60 -0.88 -8.41 2.02
CA TYR D 60 -2.07 -9.27 2.01
C TYR D 60 -3.15 -8.64 1.16
N ALA D 61 -4.03 -9.50 0.64
CA ALA D 61 -5.15 -9.04 -0.14
C ALA D 61 -6.16 -8.31 0.74
N GLN D 62 -7.10 -7.62 0.09
CA GLN D 62 -8.07 -6.79 0.81
C GLN D 62 -8.92 -7.62 1.78
N LYS D 63 -9.08 -8.91 1.53
CA LYS D 63 -9.86 -9.78 2.40
C LYS D 63 -9.02 -10.46 3.48
N PHE D 64 -7.70 -10.24 3.49
CA PHE D 64 -6.84 -11.04 4.36
C PHE D 64 -5.73 -10.23 5.03
N GLN D 65 -5.89 -8.91 5.19
CA GLN D 65 -4.87 -8.14 5.88
C GLN D 65 -4.70 -8.63 7.32
N GLU D 66 -5.80 -8.90 8.00
CA GLU D 66 -5.77 -9.40 9.37
C GLU D 66 -5.66 -10.92 9.36
N ARG D 67 -5.55 -11.47 10.58
CA ARG D 67 -5.71 -12.90 10.87
C ARG D 67 -4.88 -13.81 9.96
N VAL D 68 -3.85 -13.29 9.32
CA VAL D 68 -2.96 -14.08 8.47
C VAL D 68 -1.52 -13.73 8.84
N THR D 69 -0.73 -14.74 9.20
CA THR D 69 0.67 -14.54 9.51
C THR D 69 1.51 -15.63 8.86
N ILE D 70 2.76 -15.29 8.56
CA ILE D 70 3.70 -16.22 7.95
C ILE D 70 5.01 -16.19 8.74
N THR D 71 5.59 -17.37 8.94
CA THR D 71 6.82 -17.53 9.70
C THR D 71 7.91 -18.01 8.75
N ARG D 72 9.03 -17.26 8.74
CA ARG D 72 10.16 -17.54 7.85
C ARG D 72 10.72 -18.93 8.09
N ASP D 73 11.23 -19.17 9.29
CA ASP D 73 11.80 -20.46 9.70
C ASP D 73 12.96 -20.86 8.77
N MET D 74 14.01 -20.03 8.82
CA MET D 74 15.16 -20.22 7.94
C MET D 74 15.73 -21.63 8.03
N SER D 75 15.66 -22.25 9.20
CA SER D 75 16.16 -23.60 9.38
C SER D 75 15.35 -24.59 8.53
N THR D 76 16.04 -25.60 8.02
CA THR D 76 15.48 -26.72 7.26
C THR D 76 14.77 -26.28 5.98
N SER D 77 14.99 -25.04 5.53
CA SER D 77 14.45 -24.55 4.26
C SER D 77 12.93 -24.73 4.19
N THR D 78 12.26 -24.40 5.28
CA THR D 78 10.81 -24.49 5.36
C THR D 78 10.25 -23.16 5.83
N ALA D 79 8.96 -22.97 5.56
CA ALA D 79 8.26 -21.77 6.00
C ALA D 79 6.83 -22.16 6.35
N TYR D 80 6.30 -21.58 7.42
CA TYR D 80 4.97 -21.95 7.89
C TYR D 80 4.02 -20.77 7.78
N MET D 81 2.73 -21.05 7.81
CA MET D 81 1.69 -20.04 7.78
C MET D 81 0.59 -20.38 8.78
N GLU D 82 0.17 -19.34 9.51
CA GLU D 82 -0.95 -19.32 10.44
C GLU D 82 -2.13 -18.57 9.84
N LEU D 83 -9.79 -20.53 13.51
CA LEU D 83 -10.50 -20.55 12.24
C LEU D 83 -11.90 -19.98 12.37
N SER D 84 -4.97 -17.29 9.80
CA SER D 84 -5.96 -18.10 10.51
C SER D 84 -7.29 -17.37 10.59
N SER D 85 -8.14 -17.83 11.51
CA SER D 85 -9.49 -17.27 11.69
C SER D 85 -10.28 -17.29 10.38
N LEU D 86 -10.11 -18.37 9.61
CA LEU D 86 -10.83 -18.55 8.36
C LEU D 86 -12.17 -19.22 8.64
N ARG D 87 -13.22 -18.72 8.00
CA ARG D 87 -14.56 -19.25 8.24
C ARG D 87 -14.67 -20.66 7.66
N SER D 88 -15.84 -21.28 7.90
CA SER D 88 -16.06 -22.65 7.44
C SER D 88 -15.98 -22.76 5.92
N GLU D 89 -16.30 -21.69 5.20
CA GLU D 89 -16.30 -21.73 3.74
C GLU D 89 -14.90 -21.49 3.19
N ASP D 90 -13.91 -22.25 3.68
CA ASP D 90 -12.53 -22.13 3.24
C ASP D 90 -11.91 -23.51 3.09
N THR D 91 -12.73 -24.50 2.74
CA THR D 91 -12.26 -25.86 2.46
C THR D 91 -11.60 -25.87 1.08
N ALA D 92 -10.42 -25.27 1.01
CA ALA D 92 -9.72 -25.03 -0.24
C ALA D 92 -8.30 -25.55 -0.17
N VAL D 93 -7.68 -25.71 -1.33
CA VAL D 93 -6.31 -26.16 -1.46
C VAL D 93 -5.40 -24.93 -1.45
N TYR D 94 -4.23 -25.06 -0.83
CA TYR D 94 -3.38 -23.91 -0.54
C TYR D 94 -2.14 -23.82 -1.43
N TYR D 95 -1.51 -24.96 -1.73
CA TYR D 95 -0.36 -25.00 -2.63
C TYR D 95 0.84 -24.23 -2.10
N CYS D 96 1.94 -24.25 -2.86
CA CYS D 96 3.17 -23.55 -2.52
C CYS D 96 3.81 -23.10 -3.82
N ALA D 97 4.58 -22.01 -3.76
CA ALA D 97 5.26 -21.51 -4.96
C ALA D 97 6.58 -20.85 -4.57
N ALA D 98 7.58 -21.01 -5.43
CA ALA D 98 8.91 -20.43 -5.24
C ALA D 98 9.74 -20.54 -6.51
N PRO D 99 10.47 -19.50 -6.88
CA PRO D 99 11.35 -19.59 -8.05
C PRO D 99 12.70 -20.22 -7.71
N TYR D 100 13.34 -20.75 -8.75
CA TYR D 100 14.68 -21.31 -8.61
C TYR D 100 15.71 -20.18 -8.63
N CYS D 101 16.63 -20.20 -7.68
CA CYS D 101 17.69 -19.20 -7.62
C CYS D 101 18.99 -19.82 -7.15
N SER D 102 20.10 -19.33 -7.71
CA SER D 102 21.43 -19.79 -7.33
C SER D 102 22.42 -18.69 -7.66
N GLY D 103 22.95 -18.03 -6.63
CA GLY D 103 23.96 -17.00 -6.78
C GLY D 103 23.46 -15.59 -6.63
N GLY D 104 22.15 -15.36 -6.73
CA GLY D 104 21.60 -14.04 -6.53
C GLY D 104 20.79 -13.53 -7.72
N SER D 105 21.25 -13.80 -8.92
CA SER D 105 20.52 -13.47 -10.14
C SER D 105 19.88 -14.75 -10.66
N CYS D 106 18.56 -14.71 -10.86
CA CYS D 106 17.82 -15.92 -11.15
C CYS D 106 16.56 -15.57 -11.93
N PHE D 107 15.68 -16.56 -12.06
CA PHE D 107 14.47 -16.47 -12.86
C PHE D 107 13.41 -15.63 -12.15
N ASP D 108 12.42 -15.18 -12.93
CA ASP D 108 11.38 -14.31 -12.41
C ASP D 108 10.09 -15.08 -12.06
N GLY D 109 9.72 -16.06 -12.88
CA GLY D 109 8.47 -16.76 -12.66
C GLY D 109 8.55 -17.76 -11.52
N PHE D 110 7.38 -18.30 -11.18
CA PHE D 110 7.24 -19.32 -10.14
C PHE D 110 7.09 -20.68 -10.83
N ASP D 111 8.22 -21.37 -11.02
CA ASP D 111 8.19 -22.67 -11.67
C ASP D 111 8.07 -23.84 -10.68
N ILE D 112 8.83 -23.81 -9.58
CA ILE D 112 8.66 -24.81 -8.54
C ILE D 112 7.33 -24.60 -7.85
N TRP D 113 6.46 -25.61 -7.87
CA TRP D 113 5.16 -25.56 -7.24
C TRP D 113 4.96 -26.80 -6.38
N GLY D 114 3.93 -26.77 -5.55
CA GLY D 114 3.65 -27.81 -4.59
C GLY D 114 2.68 -28.84 -5.10
N GLN D 115 2.02 -29.54 -4.16
CA GLN D 115 1.11 -30.63 -4.50
C GLN D 115 -0.29 -30.44 -3.94
N GLY D 116 -0.47 -29.71 -2.86
CA GLY D 116 -1.78 -29.46 -2.30
C GLY D 116 -1.93 -30.06 -0.90
N THR D 117 -2.86 -29.47 -0.15
CA THR D 117 -3.17 -29.90 1.19
C THR D 117 -4.69 -29.96 1.36
N MET D 118 -5.14 -30.90 2.18
CA MET D 118 -6.56 -31.15 2.40
C MET D 118 -6.93 -30.64 3.79
N VAL D 119 -7.55 -29.46 3.85
CA VAL D 119 -8.06 -28.90 5.10
C VAL D 119 -9.58 -28.91 5.04
N THR D 120 -10.21 -29.48 6.07
CA THR D 120 -11.66 -29.63 6.10
C THR D 120 -12.20 -29.26 7.47
N VAL D 121 -13.18 -28.36 7.48
CA VAL D 121 -13.89 -27.96 8.69
C VAL D 121 -15.35 -28.34 8.54
N SER D 122 -15.87 -29.11 9.50
CA SER D 122 -17.24 -29.61 9.45
C SER D 122 -17.63 -30.06 10.86
N SER D 123 -18.70 -30.85 10.95
CA SER D 123 -19.16 -31.37 12.23
C SER D 123 -18.17 -32.34 12.86
N ALA D 124 -17.18 -32.81 12.11
CA ALA D 124 -16.14 -33.71 12.62
C ALA D 124 -16.74 -35.00 13.18
N SER D 125 -17.41 -35.74 12.30
CA SER D 125 -17.97 -37.06 12.64
C SER D 125 -17.56 -38.02 11.52
N THR D 126 -16.37 -38.59 11.67
CA THR D 126 -15.81 -39.50 10.66
C THR D 126 -16.28 -40.91 10.99
N LYS D 127 -17.28 -41.38 10.23
CA LYS D 127 -17.84 -42.71 10.43
C LYS D 127 -17.98 -43.39 9.08
N GLY D 128 -18.14 -44.71 9.12
CA GLY D 128 -18.28 -45.51 7.92
C GLY D 128 -19.46 -45.09 7.08
N PRO D 129 -19.18 -44.66 5.85
CA PRO D 129 -20.26 -44.13 5.00
C PRO D 129 -21.32 -45.19 4.71
N SER D 130 -22.57 -44.73 4.65
CA SER D 130 -23.69 -45.61 4.32
C SER D 130 -23.65 -45.95 2.83
N VAL D 131 -23.59 -47.24 2.53
CA VAL D 131 -23.48 -47.73 1.17
C VAL D 131 -24.72 -48.53 0.83
N PHE D 132 -25.30 -48.25 -0.33
CA PHE D 132 -26.60 -48.80 -0.70
C PHE D 132 -26.53 -49.32 -2.13
N PRO D 133 -27.23 -50.41 -2.43
CA PRO D 133 -27.17 -51.00 -3.77
C PRO D 133 -28.17 -50.35 -4.72
N LEU D 134 -28.16 -50.83 -5.96
CA LEU D 134 -29.04 -50.31 -7.01
C LEU D 134 -29.40 -51.47 -7.93
N ALA D 135 -30.55 -52.09 -7.66
CA ALA D 135 -31.00 -53.19 -8.49
C ALA D 135 -31.35 -52.70 -9.89
N PRO D 136 -30.96 -53.42 -10.93
CA PRO D 136 -31.30 -53.01 -12.29
C PRO D 136 -32.78 -53.19 -12.59
N SER D 137 -33.26 -52.41 -13.55
CA SER D 137 -34.66 -52.48 -13.96
C SER D 137 -34.92 -53.72 -14.79
N THR D 145 -27.56 -52.96 -22.62
CA THR D 145 -29.01 -52.96 -22.75
C THR D 145 -29.66 -52.46 -21.47
N ALA D 146 -28.92 -52.52 -20.36
CA ALA D 146 -29.41 -52.09 -19.06
C ALA D 146 -28.26 -51.44 -18.30
N ALA D 147 -28.52 -51.05 -17.06
CA ALA D 147 -27.53 -50.38 -16.22
C ALA D 147 -27.89 -50.59 -14.76
N LEU D 148 -26.90 -50.37 -13.89
CA LEU D 148 -27.08 -50.48 -12.45
C LEU D 148 -25.80 -49.98 -11.79
N GLY D 149 -25.89 -49.74 -10.48
CA GLY D 149 -24.72 -49.22 -9.79
C GLY D 149 -24.73 -49.29 -8.28
N CYS D 150 -23.96 -48.39 -7.66
CA CYS D 150 -23.81 -48.33 -6.21
C CYS D 150 -23.96 -46.89 -5.77
N LEU D 151 -24.56 -46.68 -4.61
CA LEU D 151 -24.78 -45.34 -4.06
C LEU D 151 -24.14 -45.26 -2.68
N VAL D 152 -23.74 -44.05 -2.27
CA VAL D 152 -23.21 -43.86 -0.92
C VAL D 152 -23.63 -42.48 -0.42
N LYS D 153 -24.25 -42.47 0.76
CA LYS D 153 -24.63 -41.27 1.49
C LYS D 153 -23.96 -41.32 2.86
N ASP D 154 -23.98 -40.18 3.56
CA ASP D 154 -23.19 -40.00 4.78
C ASP D 154 -21.74 -40.38 4.52
N TYR D 155 -21.19 -39.76 3.49
CA TYR D 155 -20.08 -40.24 2.69
C TYR D 155 -18.88 -39.29 2.88
N PHE D 156 -18.13 -39.53 3.95
CA PHE D 156 -17.26 -38.50 4.51
C PHE D 156 -16.19 -38.07 3.51
N PRO D 157 -15.80 -36.78 3.52
CA PRO D 157 -14.97 -36.23 2.44
C PRO D 157 -13.64 -36.88 2.16
N GLU D 158 -13.24 -37.91 2.91
CA GLU D 158 -12.04 -38.63 2.52
C GLU D 158 -12.26 -39.26 1.15
N PRO D 159 -11.25 -39.24 0.27
CA PRO D 159 -11.39 -39.91 -1.03
C PRO D 159 -11.68 -41.39 -0.85
N VAL D 160 -12.90 -41.78 -1.20
CA VAL D 160 -13.37 -43.14 -1.05
C VAL D 160 -13.34 -43.82 -2.41
N THR D 161 -12.82 -45.04 -2.43
CA THR D 161 -12.62 -45.79 -3.67
C THR D 161 -13.56 -46.98 -3.69
N VAL D 162 -14.31 -47.12 -4.79
CA VAL D 162 -15.20 -48.25 -5.01
C VAL D 162 -14.64 -49.07 -6.17
N SER D 163 -14.54 -50.38 -5.97
CA SER D 163 -13.97 -51.29 -6.95
C SER D 163 -15.07 -52.15 -7.56
N TRP D 164 -14.67 -53.01 -8.49
CA TRP D 164 -15.59 -53.90 -9.17
C TRP D 164 -15.05 -55.32 -9.17
N ASN D 165 -14.57 -55.77 -8.00
CA ASN D 165 -14.19 -57.14 -7.68
C ASN D 165 -13.04 -57.68 -8.54
N SER D 166 -12.47 -56.83 -9.40
CA SER D 166 -11.30 -57.25 -10.17
C SER D 166 -10.23 -56.18 -10.32
N GLY D 167 -10.40 -55.01 -9.72
CA GLY D 167 -9.47 -53.92 -9.96
C GLY D 167 -9.34 -53.53 -11.41
N ALA D 168 -10.38 -53.77 -12.20
CA ALA D 168 -10.35 -53.61 -13.65
C ALA D 168 -11.76 -53.24 -14.10
N LEU D 169 -12.04 -53.46 -15.39
CA LEU D 169 -13.37 -53.23 -15.97
C LEU D 169 -13.74 -51.75 -15.91
N THR D 170 -12.97 -50.95 -16.63
CA THR D 170 -13.18 -49.51 -16.75
C THR D 170 -13.94 -49.14 -18.02
N SER D 171 -14.92 -49.97 -18.40
CA SER D 171 -15.63 -49.84 -19.67
C SER D 171 -16.97 -49.13 -19.48
N GLY D 172 -17.02 -48.10 -18.65
CA GLY D 172 -18.28 -47.45 -18.35
C GLY D 172 -18.46 -47.14 -16.88
N VAL D 173 -17.37 -47.22 -16.11
CA VAL D 173 -17.41 -46.79 -14.73
C VAL D 173 -17.64 -45.28 -14.66
N HIS D 174 -18.53 -44.86 -13.76
CA HIS D 174 -18.89 -43.45 -13.62
C HIS D 174 -18.68 -43.04 -12.16
N THR D 175 -17.46 -42.63 -11.84
CA THR D 175 -17.13 -42.14 -10.50
C THR D 175 -17.49 -40.67 -10.44
N PHE D 176 -18.57 -40.35 -9.71
CA PHE D 176 -19.03 -38.97 -9.70
C PHE D 176 -18.47 -38.21 -8.50
N PRO D 177 -18.28 -36.90 -8.64
CA PRO D 177 -17.67 -36.12 -7.55
C PRO D 177 -18.63 -35.87 -6.39
N ALA D 178 -18.18 -35.09 -5.41
CA ALA D 178 -18.92 -34.83 -4.19
C ALA D 178 -19.36 -33.37 -4.13
N VAL D 179 -20.53 -33.15 -3.52
CA VAL D 179 -21.10 -31.81 -3.38
C VAL D 179 -21.61 -31.65 -1.95
N LEU D 180 -21.68 -30.39 -1.51
CA LEU D 180 -22.22 -30.09 -0.20
C LEU D 180 -23.71 -30.38 -0.14
N GLN D 181 -24.18 -30.78 1.04
CA GLN D 181 -25.59 -31.01 1.29
C GLN D 181 -26.07 -30.07 2.41
N SER D 182 -27.36 -30.18 2.73
CA SER D 182 -27.95 -29.32 3.76
C SER D 182 -27.27 -29.52 5.11
N SER D 183 -27.01 -30.77 5.47
CA SER D 183 -26.34 -31.06 6.74
C SER D 183 -24.85 -30.78 6.68
N GLY D 184 -24.34 -30.23 5.58
CA GLY D 184 -22.93 -30.02 5.41
C GLY D 184 -22.15 -31.26 5.03
N LEU D 185 -22.83 -32.35 4.71
CA LEU D 185 -22.18 -33.62 4.41
C LEU D 185 -21.95 -33.78 2.92
N TYR D 186 -21.15 -34.80 2.59
CA TYR D 186 -20.81 -35.19 1.24
C TYR D 186 -21.25 -36.66 1.08
N SER D 187 -22.05 -37.18 -0.24
CA SER D 187 -22.75 -38.36 -1.14
C SER D 187 -22.25 -38.51 -2.58
N LEU D 188 -21.87 -39.74 -2.96
CA LEU D 188 -21.48 -39.98 -4.34
C LEU D 188 -22.07 -41.31 -4.80
N SER D 189 -21.72 -41.70 -6.03
CA SER D 189 -22.27 -42.90 -6.64
C SER D 189 -21.34 -43.38 -7.74
N SER D 190 -21.58 -44.60 -8.20
CA SER D 190 -20.84 -45.17 -9.32
C SER D 190 -21.74 -46.16 -10.04
N VAL D 191 -22.11 -45.86 -11.28
CA VAL D 191 -23.10 -46.64 -12.03
C VAL D 191 -22.50 -47.03 -13.36
N VAL D 192 -22.69 -48.30 -13.74
CA VAL D 192 -22.19 -48.86 -14.99
C VAL D 192 -23.35 -49.49 -15.74
N THR D 193 -23.34 -49.34 -17.05
CA THR D 193 -24.30 -50.02 -17.90
C THR D 193 -23.77 -51.40 -18.30
N VAL D 194 -24.69 -52.35 -18.40
CA VAL D 194 -24.28 -53.71 -18.76
C VAL D 194 -23.92 -53.76 -20.25
N PRO D 195 -22.92 -54.54 -20.66
CA PRO D 195 -22.56 -54.58 -22.08
C PRO D 195 -23.65 -55.09 -22.99
N SER D 196 -24.48 -56.02 -22.53
CA SER D 196 -25.47 -56.65 -23.38
C SER D 196 -26.61 -57.18 -22.52
N SER D 197 -27.52 -57.93 -23.14
CA SER D 197 -28.70 -58.48 -22.45
C SER D 197 -28.31 -59.77 -21.75
N SER D 198 -27.53 -59.63 -20.68
CA SER D 198 -27.05 -60.74 -19.88
C SER D 198 -27.17 -60.43 -18.39
N LEU D 199 -28.32 -59.89 -17.99
CA LEU D 199 -28.50 -59.52 -16.59
C LEU D 199 -28.62 -60.75 -15.68
N GLY D 200 -29.06 -61.87 -16.23
CA GLY D 200 -29.22 -63.09 -15.46
C GLY D 200 -27.94 -63.87 -15.20
N THR D 201 -26.81 -63.40 -15.73
CA THR D 201 -25.54 -64.08 -15.55
C THR D 201 -24.48 -63.06 -15.12
N GLN D 202 -23.53 -63.55 -14.32
CA GLN D 202 -22.41 -62.76 -13.79
C GLN D 202 -22.90 -61.74 -12.76
N THR D 203 -22.08 -61.48 -11.75
CA THR D 203 -22.42 -60.55 -10.68
C THR D 203 -21.29 -59.57 -10.46
N TYR D 204 -21.64 -58.36 -10.04
CA TYR D 204 -20.67 -57.32 -9.71
C TYR D 204 -20.86 -56.96 -8.24
N ILE D 205 -20.13 -55.94 -7.78
CA ILE D 205 -19.90 -55.73 -6.36
C ILE D 205 -20.02 -54.24 -6.05
N CYS D 206 -20.15 -53.93 -4.76
CA CYS D 206 -20.05 -52.57 -4.24
C CYS D 206 -18.98 -52.50 -3.15
N ASN D 207 -17.80 -53.06 -3.42
CA ASN D 207 -16.71 -52.98 -2.46
C ASN D 207 -16.33 -51.52 -2.22
N VAL D 208 -16.42 -51.08 -0.97
CA VAL D 208 -16.03 -49.71 -0.62
C VAL D 208 -15.16 -49.76 0.62
N ASN D 209 -14.07 -49.00 0.62
CA ASN D 209 -13.12 -48.96 1.71
C ASN D 209 -13.01 -47.56 2.29
N HIS D 210 -12.66 -47.50 3.58
CA HIS D 210 -12.40 -46.25 4.29
C HIS D 210 -11.07 -46.39 5.02
N LYS D 211 -10.08 -45.61 4.59
CA LYS D 211 -8.69 -45.76 5.03
C LYS D 211 -8.39 -45.16 6.40
N PRO D 212 -8.77 -43.88 6.68
CA PRO D 212 -8.41 -43.31 7.99
C PRO D 212 -8.99 -44.12 9.15
N SER D 213 -10.30 -44.31 9.16
CA SER D 213 -10.94 -45.32 10.00
C SER D 213 -11.24 -46.49 9.07
N ASN D 214 -10.37 -47.50 9.11
CA ASN D 214 -10.39 -48.55 8.10
C ASN D 214 -11.67 -49.37 8.26
N THR D 215 -12.67 -49.04 7.46
CA THR D 215 -13.93 -49.77 7.44
C THR D 215 -14.18 -50.26 6.02
N LYS D 216 -14.41 -51.55 5.87
CA LYS D 216 -14.63 -52.16 4.57
C LYS D 216 -16.05 -52.68 4.48
N VAL D 217 -16.77 -52.28 3.43
CA VAL D 217 -18.16 -52.64 3.25
C VAL D 217 -18.31 -53.38 1.92
N ASP D 218 -19.06 -54.48 1.96
CA ASP D 218 -19.14 -55.46 0.89
C ASP D 218 -20.58 -55.94 0.74
N LYS D 219 -21.06 -56.03 -0.50
CA LYS D 219 -22.43 -56.48 -0.73
C LYS D 219 -22.65 -56.81 -2.20
N LYS D 220 -23.61 -57.72 -2.44
CA LYS D 220 -24.05 -58.07 -3.78
C LYS D 220 -25.13 -57.11 -4.26
N VAL D 221 -25.27 -57.01 -5.58
CA VAL D 221 -26.36 -56.30 -6.23
C VAL D 221 -27.07 -57.27 -7.16
N GLU D 222 -28.39 -57.39 -6.99
CA GLU D 222 -29.20 -58.30 -7.79
C GLU D 222 -30.64 -57.80 -7.80
N PRO D 223 -31.30 -57.78 -8.97
CA PRO D 223 -32.69 -57.32 -9.07
C PRO D 223 -33.67 -58.30 -8.42
N GLU E 1 -7.93 -2.61 -10.98
CA GLU E 1 -6.89 -3.62 -10.77
C GLU E 1 -7.33 -4.97 -11.31
N ILE E 2 -8.64 -5.25 -11.21
CA ILE E 2 -9.20 -6.53 -11.63
C ILE E 2 -10.34 -6.25 -12.60
N VAL E 3 -10.02 -6.20 -13.89
CA VAL E 3 -11.03 -6.16 -14.95
C VAL E 3 -10.60 -7.17 -16.01
N LEU E 4 -9.83 -8.17 -15.59
CA LEU E 4 -9.12 -9.04 -16.52
C LEU E 4 -10.09 -9.67 -17.52
N THR E 5 -10.99 -10.53 -17.04
CA THR E 5 -12.18 -10.99 -17.78
C THR E 5 -11.84 -11.31 -19.25
N GLN E 6 -11.00 -12.32 -19.42
CA GLN E 6 -10.53 -12.69 -20.75
C GLN E 6 -11.70 -12.97 -21.68
N SER E 7 -11.56 -12.53 -22.93
CA SER E 7 -12.65 -12.68 -23.90
C SER E 7 -13.00 -14.14 -24.18
N PRO E 8 -12.07 -15.04 -24.47
CA PRO E 8 -12.47 -16.42 -24.78
C PRO E 8 -13.07 -17.10 -23.55
N GLY E 9 -14.25 -17.68 -23.75
CA GLY E 9 -14.93 -18.40 -22.69
C GLY E 9 -15.03 -19.89 -22.97
N THR E 10 -16.20 -20.33 -23.42
CA THR E 10 -16.43 -21.73 -23.78
C THR E 10 -16.26 -21.88 -25.28
N LEU E 11 -15.18 -22.54 -25.69
CA LEU E 11 -14.91 -22.80 -27.09
C LEU E 11 -14.44 -24.23 -27.27
N SER E 12 -14.96 -24.90 -28.29
CA SER E 12 -14.57 -26.25 -28.63
C SER E 12 -13.86 -26.27 -29.98
N LEU E 13 -12.83 -27.10 -30.09
CA LEU E 13 -12.02 -27.11 -31.30
C LEU E 13 -11.44 -28.50 -31.53
N SER E 14 -11.39 -28.91 -32.80
CA SER E 14 -10.72 -30.12 -33.26
C SER E 14 -9.26 -29.83 -33.53
N PRO E 15 -8.42 -30.87 -33.65
CA PRO E 15 -7.02 -30.64 -34.01
C PRO E 15 -6.91 -29.90 -35.33
N GLY E 16 -5.95 -28.97 -35.39
CA GLY E 16 -5.85 -28.07 -36.52
C GLY E 16 -6.54 -26.75 -36.23
N GLU E 17 -6.18 -26.13 -35.12
CA GLU E 17 -6.90 -24.99 -34.56
C GLU E 17 -6.15 -23.68 -34.77
N ARG E 18 -6.84 -22.59 -34.44
CA ARG E 18 -6.34 -21.22 -34.48
C ARG E 18 -6.67 -20.52 -33.17
N ALA E 19 -6.36 -21.18 -32.06
CA ALA E 19 -6.81 -20.69 -30.76
C ALA E 19 -6.06 -19.42 -30.37
N THR E 20 -6.79 -18.45 -29.83
CA THR E 20 -6.23 -17.18 -29.38
C THR E 20 -6.56 -16.98 -27.91
N LEU E 21 -5.55 -16.77 -27.08
CA LEU E 21 -5.73 -16.52 -25.66
C LEU E 21 -5.31 -15.10 -25.35
N SER E 22 -6.19 -14.36 -24.68
CA SER E 22 -6.05 -12.91 -24.54
C SER E 22 -6.44 -12.46 -23.13
N CYS E 23 -5.49 -11.88 -22.41
CA CYS E 23 -5.73 -11.25 -21.12
C CYS E 23 -5.94 -9.75 -21.33
N ARG E 24 -6.95 -9.20 -20.66
CA ARG E 24 -7.13 -7.75 -20.62
C ARG E 24 -6.48 -7.20 -19.36
N ALA E 25 -6.15 -5.92 -19.38
CA ALA E 25 -5.41 -5.29 -18.30
C ALA E 25 -6.16 -4.04 -17.81
N SER E 26 -6.22 -3.90 -16.48
CA SER E 26 -6.77 -2.67 -15.90
C SER E 26 -5.89 -1.47 -16.23
N GLN E 27 -4.57 -1.64 -16.12
CA GLN E 27 -3.61 -0.61 -16.47
C GLN E 27 -2.53 -1.21 -17.35
N SER E 28 -1.70 -0.34 -17.92
CA SER E 28 -0.61 -0.79 -18.78
C SER E 28 0.44 -1.46 -17.91
N VAL E 29 0.42 -2.79 -17.91
CA VAL E 29 1.36 -3.58 -17.11
C VAL E 29 2.63 -3.80 -17.91
N SER E 30 3.77 -3.59 -17.26
CA SER E 30 5.06 -3.71 -17.94
C SER E 30 5.29 -5.14 -18.40
N SER E 31 6.08 -5.29 -19.46
CA SER E 31 6.41 -6.60 -19.98
C SER E 31 7.20 -7.39 -18.96
N SER E 32 7.12 -8.71 -19.07
CA SER E 32 7.73 -9.68 -18.14
C SER E 32 7.10 -9.62 -16.75
N TYR E 33 6.00 -8.88 -16.58
CA TYR E 33 5.23 -8.89 -15.36
C TYR E 33 3.89 -9.62 -15.54
N LEU E 34 3.80 -10.50 -16.52
CA LEU E 34 2.62 -11.31 -16.78
C LEU E 34 3.03 -12.78 -16.73
N ALA E 35 2.03 -13.64 -16.58
CA ALA E 35 2.28 -15.08 -16.62
C ALA E 35 1.02 -15.78 -17.10
N TRP E 36 1.22 -16.91 -17.76
CA TRP E 36 0.13 -17.79 -18.16
C TRP E 36 0.39 -19.16 -17.57
N TYR E 37 -0.55 -19.65 -16.77
CA TYR E 37 -0.39 -20.94 -16.12
C TYR E 37 -1.36 -21.96 -16.69
N GLN E 38 -0.84 -23.16 -16.96
CA GLN E 38 -1.62 -24.29 -17.46
C GLN E 38 -1.93 -25.24 -16.31
N GLN E 39 -3.20 -25.33 -15.94
CA GLN E 39 -3.64 -26.27 -14.93
C GLN E 39 -4.33 -27.46 -15.58
N LYS E 40 -4.03 -28.65 -15.06
CA LYS E 40 -4.67 -29.88 -15.48
C LYS E 40 -5.38 -30.45 -14.27
N PRO E 41 -6.63 -30.92 -14.41
CA PRO E 41 -7.39 -31.40 -13.25
C PRO E 41 -6.66 -32.51 -12.52
N GLY E 42 -6.42 -32.30 -11.23
CA GLY E 42 -5.76 -33.26 -10.37
C GLY E 42 -4.36 -32.89 -9.96
N GLN E 43 -3.78 -31.82 -10.51
CA GLN E 43 -2.42 -31.44 -10.20
C GLN E 43 -2.29 -29.92 -10.25
N ALA E 44 -1.13 -29.44 -9.80
CA ALA E 44 -0.89 -28.01 -9.73
C ALA E 44 -0.70 -27.42 -11.12
N PRO E 45 -1.00 -26.13 -11.29
CA PRO E 45 -0.74 -25.48 -12.58
C PRO E 45 0.75 -25.38 -12.85
N ARG E 46 1.09 -25.28 -14.13
CA ARG E 46 2.47 -25.20 -14.58
C ARG E 46 2.72 -23.86 -15.27
N LEU E 47 3.99 -23.42 -15.20
CA LEU E 47 4.42 -22.17 -15.79
C LEU E 47 4.94 -22.42 -17.20
N LEU E 48 4.35 -21.74 -18.18
CA LEU E 48 4.74 -21.90 -19.58
C LEU E 48 5.32 -20.63 -20.18
N ILE E 49 4.58 -19.52 -20.12
CA ILE E 49 5.03 -18.26 -20.72
C ILE E 49 4.86 -17.13 -19.72
N TYR E 50 5.95 -16.40 -19.48
CA TYR E 50 6.00 -15.35 -18.47
C TYR E 50 6.16 -13.99 -19.16
N GLY E 51 5.10 -13.20 -19.08
CA GLY E 51 5.11 -11.85 -19.60
C GLY E 51 4.96 -11.73 -21.10
N ALA E 52 4.42 -12.74 -21.77
CA ALA E 52 4.30 -12.74 -23.23
C ALA E 52 5.65 -12.50 -23.88
N SER E 53 6.71 -13.02 -23.26
CA SER E 53 8.08 -12.77 -23.69
C SER E 53 8.76 -14.01 -24.22
N SER E 54 8.74 -15.11 -23.47
CA SER E 54 9.41 -16.33 -23.91
C SER E 54 8.78 -17.53 -23.23
N ARG E 55 9.06 -18.70 -23.77
CA ARG E 55 8.55 -19.95 -23.25
C ARG E 55 9.31 -20.37 -22.00
N ALA E 56 8.83 -21.41 -21.34
CA ALA E 56 9.44 -21.91 -20.12
C ALA E 56 10.72 -22.67 -20.46
N THR E 57 11.34 -23.27 -19.45
CA THR E 57 12.60 -24.00 -19.62
C THR E 57 12.43 -25.17 -20.58
N GLY E 58 11.61 -26.15 -20.18
CA GLY E 58 11.33 -27.27 -21.05
C GLY E 58 9.85 -27.53 -21.19
N PHE E 59 9.32 -27.34 -22.39
CA PHE E 59 7.90 -27.49 -22.66
C PHE E 59 7.71 -27.54 -24.18
N PRO E 60 6.56 -28.02 -24.65
CA PRO E 60 6.37 -28.15 -26.10
C PRO E 60 6.50 -26.83 -26.83
N ASP E 61 7.05 -26.90 -28.03
CA ASP E 61 7.29 -25.74 -28.87
C ASP E 61 6.00 -25.37 -29.63
N ARG E 62 6.16 -24.58 -30.69
CA ARG E 62 5.20 -24.19 -31.73
C ARG E 62 4.01 -23.39 -31.19
N PHE E 63 3.94 -23.07 -29.91
CA PHE E 63 2.92 -22.15 -29.41
C PHE E 63 3.56 -21.13 -28.48
N SER E 64 3.36 -19.85 -28.80
CA SER E 64 3.88 -18.73 -28.02
C SER E 64 3.32 -17.45 -28.60
N GLY E 65 3.15 -16.43 -27.76
CA GLY E 65 2.62 -15.17 -28.24
C GLY E 65 2.98 -13.96 -27.39
N SER E 66 3.11 -12.81 -28.03
CA SER E 66 3.38 -11.55 -27.35
C SER E 66 2.20 -10.61 -27.57
N GLY E 67 1.80 -9.90 -26.50
CA GLY E 67 0.66 -9.02 -26.54
C GLY E 67 1.03 -7.58 -26.22
N SER E 68 0.02 -6.72 -26.28
CA SER E 68 0.20 -5.30 -26.01
C SER E 68 0.16 -5.03 -24.51
N GLY E 69 0.40 -3.76 -24.15
CA GLY E 69 0.44 -3.36 -22.75
C GLY E 69 -0.89 -3.51 -22.03
N THR E 70 -1.98 -3.68 -22.77
CA THR E 70 -3.29 -3.94 -22.19
C THR E 70 -3.97 -5.19 -22.74
N ASP E 71 -3.76 -5.50 -24.01
CA ASP E 71 -4.32 -6.69 -24.66
C ASP E 71 -3.16 -7.64 -24.89
N PHE E 72 -3.01 -8.63 -24.01
CA PHE E 72 -1.91 -9.58 -24.10
C PHE E 72 -2.41 -10.86 -24.74
N THR E 73 -1.84 -11.24 -25.88
CA THR E 73 -2.36 -12.37 -26.65
C THR E 73 -1.27 -13.39 -26.97
N LEU E 74 -1.71 -14.63 -27.16
CA LEU E 74 -0.86 -15.71 -27.64
C LEU E 74 -1.68 -16.65 -28.50
N THR E 75 -0.98 -17.42 -29.33
CA THR E 75 -1.59 -18.28 -30.33
C THR E 75 -1.32 -19.75 -30.04
N ILE E 76 -2.29 -20.59 -30.41
CA ILE E 76 -2.20 -22.04 -30.30
C ILE E 76 -2.57 -22.63 -31.65
N SER E 77 -1.65 -23.41 -32.23
CA SER E 77 -1.81 -23.95 -33.58
C SER E 77 -1.51 -25.44 -33.57
N ARG E 78 -2.43 -26.24 -34.09
CA ARG E 78 -2.27 -27.69 -34.21
C ARG E 78 -1.84 -28.30 -32.88
N LEU E 79 -2.74 -28.27 -31.91
CA LEU E 79 -2.41 -28.74 -30.58
C LEU E 79 -2.28 -30.25 -30.56
N GLU E 80 -1.33 -30.72 -29.76
CA GLU E 80 -1.27 -32.15 -29.47
C GLU E 80 -2.36 -32.50 -28.47
N PRO E 81 -2.81 -33.77 -28.44
CA PRO E 81 -4.08 -34.08 -27.77
C PRO E 81 -4.16 -33.71 -26.29
N GLU E 82 -3.08 -33.87 -25.51
CA GLU E 82 -3.28 -33.71 -24.06
C GLU E 82 -3.30 -32.25 -23.63
N ASP E 83 -3.05 -31.30 -24.53
CA ASP E 83 -3.17 -29.88 -24.21
C ASP E 83 -4.62 -29.39 -24.30
N PHE E 84 -5.51 -30.07 -23.58
CA PHE E 84 -6.92 -29.68 -23.46
C PHE E 84 -7.23 -29.50 -21.98
N ALA E 85 -7.09 -28.28 -21.49
CA ALA E 85 -7.38 -27.97 -20.08
C ALA E 85 -7.48 -26.46 -19.94
N VAL E 86 -7.50 -25.99 -18.70
CA VAL E 86 -7.74 -24.58 -18.40
C VAL E 86 -6.42 -23.82 -18.41
N TYR E 87 -6.51 -22.52 -18.70
CA TYR E 87 -5.41 -21.58 -18.63
C TYR E 87 -5.74 -20.51 -17.60
N TYR E 88 -4.71 -19.77 -17.18
CA TYR E 88 -4.92 -18.73 -16.17
C TYR E 88 -3.99 -17.55 -16.43
N CYS E 89 -4.56 -16.35 -16.34
CA CYS E 89 -3.82 -15.09 -16.39
C CYS E 89 -3.28 -14.80 -15.00
N GLN E 90 -2.01 -14.38 -14.93
CA GLN E 90 -1.37 -14.07 -13.66
C GLN E 90 -0.65 -12.74 -13.79
N GLN E 91 -0.83 -11.86 -12.81
CA GLN E 91 -0.35 -10.49 -12.88
C GLN E 91 0.69 -10.21 -11.80
N TYR E 92 1.69 -9.42 -12.16
CA TYR E 92 2.79 -9.04 -11.28
C TYR E 92 2.76 -7.52 -11.07
N GLY E 93 3.81 -7.01 -10.42
CA GLY E 93 4.05 -5.58 -10.38
C GLY E 93 3.19 -4.79 -9.43
N ASN E 94 1.87 -5.02 -9.46
CA ASN E 94 0.93 -4.21 -8.72
C ASN E 94 0.33 -5.03 -7.59
N SER E 95 0.43 -4.50 -6.37
CA SER E 95 -0.17 -5.12 -5.19
C SER E 95 -1.61 -4.66 -5.04
N PRO E 96 -2.56 -5.58 -4.79
CA PRO E 96 -2.33 -7.02 -4.64
C PRO E 96 -2.14 -7.74 -5.97
N TRP E 97 -1.41 -8.85 -5.95
CA TRP E 97 -1.12 -9.62 -7.16
C TRP E 97 -2.29 -10.55 -7.48
N THR E 98 -3.36 -9.93 -7.97
CA THR E 98 -4.57 -10.68 -8.29
C THR E 98 -4.35 -11.56 -9.51
N PHE E 99 -5.25 -12.52 -9.69
CA PHE E 99 -5.14 -13.54 -10.73
C PHE E 99 -6.34 -13.45 -11.68
N GLY E 100 -6.31 -14.29 -12.71
CA GLY E 100 -7.30 -14.25 -13.77
C GLY E 100 -8.49 -15.14 -13.51
N GLN E 101 -9.31 -15.31 -14.55
CA GLN E 101 -10.54 -16.07 -14.48
C GLN E 101 -10.37 -17.52 -14.92
N GLY E 102 -9.88 -17.73 -16.14
CA GLY E 102 -9.70 -19.08 -16.65
C GLY E 102 -10.40 -19.32 -17.98
N THR E 103 -9.78 -20.08 -18.86
CA THR E 103 -10.33 -20.37 -20.18
C THR E 103 -10.29 -21.87 -20.42
N LYS E 104 -11.40 -22.41 -20.92
CA LYS E 104 -11.54 -23.85 -21.13
C LYS E 104 -11.59 -24.17 -22.61
N VAL E 105 -11.11 -25.37 -22.96
CA VAL E 105 -11.10 -25.84 -24.34
C VAL E 105 -11.61 -27.28 -24.38
N GLU E 106 -12.18 -27.64 -25.53
CA GLU E 106 -12.72 -28.97 -25.75
C GLU E 106 -12.89 -29.18 -27.25
N ILE E 107 -13.63 -30.23 -27.64
CA ILE E 107 -13.75 -30.64 -29.03
C ILE E 107 -15.22 -30.88 -29.36
N ARG E 108 -15.61 -30.60 -30.60
CA ARG E 108 -16.96 -30.90 -31.07
C ARG E 108 -17.23 -32.40 -30.97
N ARG E 109 -18.47 -32.74 -30.64
CA ARG E 109 -19.03 -34.09 -30.83
C ARG E 109 -20.55 -33.95 -30.61
N THR E 110 -21.29 -35.03 -30.80
CA THR E 110 -22.74 -34.97 -30.90
C THR E 110 -23.41 -35.06 -29.53
N VAL E 111 -24.69 -34.72 -29.52
CA VAL E 111 -25.41 -34.46 -28.26
C VAL E 111 -26.68 -35.28 -28.13
N ALA E 112 -27.13 -35.95 -29.19
CA ALA E 112 -28.54 -36.25 -29.43
C ALA E 112 -29.34 -36.69 -28.21
N ALA E 113 -28.99 -37.82 -27.60
CA ALA E 113 -29.89 -38.37 -26.60
C ALA E 113 -29.14 -39.12 -25.50
N PRO E 114 -28.99 -38.52 -24.32
CA PRO E 114 -28.21 -39.17 -23.26
C PRO E 114 -28.99 -40.08 -22.31
N SER E 115 -30.30 -39.86 -22.13
CA SER E 115 -30.96 -40.31 -20.90
C SER E 115 -32.34 -40.90 -21.15
N VAL E 116 -32.45 -41.85 -22.07
CA VAL E 116 -33.71 -42.60 -22.23
C VAL E 116 -33.61 -43.80 -21.30
N PHE E 117 -33.84 -43.54 -20.01
CA PHE E 117 -33.89 -44.53 -18.94
C PHE E 117 -34.18 -43.80 -17.64
N ILE E 118 -34.60 -44.56 -16.61
CA ILE E 118 -34.85 -44.03 -15.29
C ILE E 118 -34.84 -45.16 -14.28
N PHE E 119 -34.48 -44.83 -13.03
CA PHE E 119 -34.40 -45.81 -11.94
C PHE E 119 -35.26 -45.38 -10.75
N PRO E 120 -36.26 -46.16 -10.39
CA PRO E 120 -37.06 -45.86 -9.20
C PRO E 120 -36.29 -46.17 -7.93
N PRO E 121 -36.65 -45.55 -6.81
CA PRO E 121 -35.97 -45.86 -5.54
C PRO E 121 -36.31 -47.27 -5.08
N SER E 122 -35.41 -47.82 -4.26
CA SER E 122 -35.63 -49.15 -3.71
C SER E 122 -36.62 -49.11 -2.55
N ASP E 123 -37.20 -50.27 -2.25
CA ASP E 123 -38.22 -50.39 -1.22
C ASP E 123 -37.66 -50.29 0.19
N GLU E 124 -36.34 -50.34 0.36
CA GLU E 124 -35.74 -50.25 1.69
C GLU E 124 -35.70 -48.83 2.24
N GLN E 125 -36.25 -47.86 1.53
CA GLN E 125 -36.26 -46.47 1.98
C GLN E 125 -37.14 -46.25 3.21
N LEU E 126 -37.98 -47.22 3.57
CA LEU E 126 -38.80 -47.06 4.77
C LEU E 126 -37.96 -46.90 6.02
N LYS E 127 -36.77 -47.52 6.05
CA LYS E 127 -35.85 -47.36 7.16
C LYS E 127 -34.45 -46.95 6.71
N SER E 128 -34.28 -46.58 5.44
CA SER E 128 -32.98 -46.15 4.92
C SER E 128 -32.75 -44.68 5.30
N GLY E 129 -31.75 -44.08 4.68
CA GLY E 129 -31.35 -42.72 5.03
C GLY E 129 -32.35 -41.65 4.64
N THR E 130 -32.51 -41.40 3.34
CA THR E 130 -33.36 -40.33 2.87
C THR E 130 -33.95 -40.71 1.51
N ALA E 131 -35.20 -40.31 1.28
CA ALA E 131 -35.88 -40.60 0.03
C ALA E 131 -35.32 -39.76 -1.11
N SER E 132 -34.45 -40.35 -1.92
CA SER E 132 -33.84 -39.65 -3.05
C SER E 132 -34.11 -40.44 -4.33
N VAL E 133 -34.47 -39.71 -5.39
CA VAL E 133 -34.69 -40.29 -6.71
C VAL E 133 -33.47 -40.04 -7.57
N VAL E 134 -33.00 -41.09 -8.24
CA VAL E 134 -31.81 -41.02 -9.08
C VAL E 134 -32.24 -40.95 -10.54
N CYS E 135 -31.69 -39.98 -11.27
CA CYS E 135 -32.05 -39.76 -12.67
C CYS E 135 -30.76 -39.49 -13.45
N LEU E 136 -30.36 -40.46 -14.26
CA LEU E 136 -29.02 -40.50 -14.86
C LEU E 136 -29.07 -40.14 -16.34
N LEU E 137 -27.94 -39.65 -16.84
CA LEU E 137 -27.73 -39.46 -18.27
C LEU E 137 -26.29 -39.82 -18.60
N ASN E 138 -26.08 -40.24 -19.85
CA ASN E 138 -24.76 -40.68 -20.31
C ASN E 138 -24.48 -40.07 -21.67
N ASN E 139 -23.26 -39.57 -21.85
CA ASN E 139 -22.82 -39.01 -23.12
C ASN E 139 -23.59 -37.75 -23.51
N PHE E 140 -23.55 -36.72 -22.66
CA PHE E 140 -24.05 -35.41 -23.04
C PHE E 140 -22.86 -34.48 -23.33
N TYR E 141 -22.90 -33.82 -24.49
CA TYR E 141 -21.72 -33.10 -24.98
C TYR E 141 -21.49 -31.73 -24.33
N PRO E 142 -22.44 -30.80 -24.34
CA PRO E 142 -22.15 -29.45 -23.87
C PRO E 142 -22.11 -29.36 -22.34
N ARG E 143 -21.48 -28.28 -21.86
CA ARG E 143 -21.43 -28.03 -20.42
C ARG E 143 -22.82 -27.73 -19.87
N GLU E 144 -23.59 -26.91 -20.59
CA GLU E 144 -24.90 -26.49 -20.12
C GLU E 144 -25.81 -27.71 -19.96
N ALA E 145 -26.68 -27.65 -18.96
CA ALA E 145 -27.57 -28.78 -18.69
C ALA E 145 -28.76 -28.25 -17.91
N LYS E 146 -29.96 -28.42 -18.47
CA LYS E 146 -31.20 -28.06 -17.81
C LYS E 146 -32.00 -29.32 -17.53
N VAL E 147 -32.33 -29.53 -16.26
CA VAL E 147 -33.10 -30.69 -15.83
C VAL E 147 -34.30 -30.22 -15.04
N GLN E 148 -35.46 -30.79 -15.33
CA GLN E 148 -36.69 -30.39 -14.66
C GLN E 148 -37.38 -31.64 -14.12
N TRP E 149 -38.30 -31.40 -13.20
CA TRP E 149 -38.99 -32.46 -12.47
C TRP E 149 -40.46 -32.11 -12.35
N LYS E 150 -41.28 -33.12 -12.10
CA LYS E 150 -42.71 -32.93 -11.86
C LYS E 150 -43.13 -33.92 -10.78
N VAL E 151 -43.11 -33.46 -9.54
CA VAL E 151 -43.50 -34.28 -8.40
C VAL E 151 -45.01 -34.18 -8.21
N ASP E 152 -45.60 -35.22 -7.63
CA ASP E 152 -47.04 -35.27 -7.41
C ASP E 152 -47.48 -34.16 -6.45
N ASN E 153 -48.14 -33.14 -7.00
CA ASN E 153 -48.69 -32.03 -6.21
C ASN E 153 -47.60 -31.37 -5.34
N ALA E 154 -46.42 -31.21 -5.92
CA ALA E 154 -45.30 -30.62 -5.19
C ALA E 154 -44.39 -29.93 -6.19
N LEU E 155 -44.25 -28.60 -6.07
CA LEU E 155 -43.39 -27.79 -6.94
C LEU E 155 -42.44 -27.01 -6.04
N GLN E 156 -41.32 -27.63 -5.67
CA GLN E 156 -40.32 -26.99 -4.84
C GLN E 156 -38.93 -27.38 -5.33
N SER E 157 -38.05 -26.39 -5.40
CA SER E 157 -36.68 -26.57 -5.86
C SER E 157 -35.66 -26.13 -4.80
N GLY E 158 -36.04 -26.21 -3.53
CA GLY E 158 -35.14 -25.80 -2.48
C GLY E 158 -33.90 -26.68 -2.38
N ASN E 159 -34.08 -27.99 -2.49
CA ASN E 159 -32.98 -28.94 -2.42
C ASN E 159 -33.02 -29.83 -3.65
N SER E 160 -31.90 -29.93 -4.36
CA SER E 160 -31.76 -30.82 -5.49
C SER E 160 -30.26 -31.03 -5.74
N GLN E 161 -29.83 -32.28 -5.72
CA GLN E 161 -28.42 -32.61 -5.85
C GLN E 161 -28.15 -33.15 -7.25
N GLU E 162 -27.20 -32.52 -7.95
CA GLU E 162 -26.77 -32.95 -9.27
C GLU E 162 -25.26 -33.05 -9.28
N SER E 163 -24.75 -34.09 -9.94
CA SER E 163 -23.32 -34.34 -10.00
C SER E 163 -22.90 -34.54 -11.46
N VAL E 164 -21.82 -33.87 -11.85
CA VAL E 164 -21.32 -33.91 -13.23
C VAL E 164 -19.86 -34.31 -13.23
N THR E 165 -19.47 -35.15 -14.17
CA THR E 165 -18.09 -35.55 -14.35
C THR E 165 -17.48 -34.79 -15.53
N GLU E 166 -16.19 -34.98 -15.76
CA GLU E 166 -15.47 -34.26 -16.79
C GLU E 166 -15.46 -35.06 -18.09
N GLN E 167 -14.67 -34.61 -19.05
CA GLN E 167 -14.60 -35.26 -20.36
C GLN E 167 -13.94 -36.63 -20.26
N ASP E 168 -14.33 -37.51 -21.18
CA ASP E 168 -13.86 -38.89 -21.19
C ASP E 168 -12.53 -38.99 -21.94
N SER E 169 -11.59 -39.74 -21.38
CA SER E 169 -10.29 -39.90 -22.03
C SER E 169 -10.43 -40.54 -23.40
N LYS E 170 -11.35 -41.50 -23.54
CA LYS E 170 -11.49 -42.20 -24.81
C LYS E 170 -12.18 -41.32 -25.86
N ASP E 171 -13.18 -40.55 -25.46
CA ASP E 171 -14.03 -39.86 -26.44
C ASP E 171 -14.32 -38.40 -26.12
N SER E 172 -13.74 -37.84 -25.07
CA SER E 172 -13.95 -36.43 -24.70
C SER E 172 -15.44 -36.10 -24.57
N THR E 173 -16.08 -36.79 -23.63
CA THR E 173 -17.53 -36.72 -23.50
C THR E 173 -17.91 -36.50 -22.05
N TYR E 174 -18.86 -35.60 -21.82
CA TYR E 174 -19.37 -35.32 -20.48
C TYR E 174 -20.53 -36.26 -20.15
N SER E 175 -20.84 -36.33 -18.85
CA SER E 175 -21.95 -37.15 -18.37
C SER E 175 -22.29 -36.72 -16.96
N LEU E 176 -23.58 -36.60 -16.65
CA LEU E 176 -23.97 -36.18 -15.31
C LEU E 176 -25.21 -36.92 -14.84
N SER E 177 -25.69 -36.55 -13.65
CA SER E 177 -26.88 -37.19 -13.07
C SER E 177 -27.47 -36.24 -12.05
N SER E 178 -28.74 -36.49 -11.71
CA SER E 178 -29.47 -35.72 -10.70
C SER E 178 -29.94 -36.69 -9.62
N THR E 179 -29.49 -36.46 -8.40
CA THR E 179 -29.90 -37.28 -7.25
C THR E 179 -30.75 -36.37 -6.36
N LEU E 180 -32.05 -36.31 -6.66
CA LEU E 180 -32.95 -35.38 -6.00
C LEU E 180 -33.40 -35.97 -4.67
N THR E 181 -32.95 -35.37 -3.57
CA THR E 181 -33.36 -35.76 -2.23
C THR E 181 -34.61 -34.98 -1.86
N LEU E 182 -35.59 -35.68 -1.28
CA LEU E 182 -36.85 -35.07 -0.91
C LEU E 182 -37.30 -35.69 0.41
N SER E 183 -38.51 -35.32 0.84
CA SER E 183 -38.99 -35.75 2.15
C SER E 183 -39.12 -37.26 2.22
N LYS E 184 -38.59 -37.85 3.29
CA LYS E 184 -38.58 -39.29 3.48
C LYS E 184 -39.59 -39.79 4.49
N ALA E 185 -39.79 -39.07 5.59
CA ALA E 185 -40.66 -39.54 6.65
C ALA E 185 -42.11 -39.64 6.18
N ASP E 186 -42.53 -38.74 5.28
CA ASP E 186 -43.92 -38.73 4.85
C ASP E 186 -44.22 -39.89 3.91
N TYR E 187 -43.56 -39.91 2.75
CA TYR E 187 -43.69 -40.96 1.74
C TYR E 187 -45.14 -41.13 1.27
N GLU E 188 -46.01 -40.16 1.53
CA GLU E 188 -47.42 -40.29 1.19
C GLU E 188 -47.87 -39.18 0.25
N LYS E 189 -47.45 -37.95 0.52
CA LYS E 189 -47.86 -36.80 -0.28
C LYS E 189 -47.22 -36.78 -1.67
N HIS E 190 -46.22 -37.60 -1.91
CA HIS E 190 -45.49 -37.63 -3.17
C HIS E 190 -45.50 -39.05 -3.73
N LYS E 191 -46.35 -39.26 -4.75
CA LYS E 191 -46.51 -40.55 -5.40
C LYS E 191 -46.03 -40.56 -6.85
N VAL E 192 -46.31 -39.50 -7.60
CA VAL E 192 -45.95 -39.40 -9.01
C VAL E 192 -44.70 -38.54 -9.14
N TYR E 193 -43.66 -39.10 -9.76
CA TYR E 193 -42.38 -38.44 -9.89
C TYR E 193 -42.00 -38.34 -11.37
N ALA E 194 -41.11 -37.40 -11.68
CA ALA E 194 -40.66 -37.22 -13.06
C ALA E 194 -39.28 -36.57 -13.05
N CYS E 195 -38.44 -37.02 -13.99
CA CYS E 195 -37.12 -36.43 -14.22
C CYS E 195 -36.98 -36.17 -15.73
N GLU E 196 -37.30 -34.96 -16.15
CA GLU E 196 -37.27 -34.59 -17.55
C GLU E 196 -36.04 -33.76 -17.86
N VAL E 197 -35.44 -34.01 -19.03
CA VAL E 197 -34.29 -33.25 -19.52
C VAL E 197 -34.56 -32.86 -20.96
N THR E 198 -34.23 -31.62 -21.31
CA THR E 198 -34.52 -31.07 -22.63
C THR E 198 -33.23 -30.70 -23.34
N HIS E 199 -33.13 -31.10 -24.60
CA HIS E 199 -32.07 -30.66 -25.50
C HIS E 199 -32.70 -30.40 -26.87
N GLN E 200 -32.08 -29.49 -27.63
CA GLN E 200 -32.64 -29.10 -28.92
C GLN E 200 -32.83 -30.31 -29.84
N GLY E 201 -31.85 -31.21 -29.85
CA GLY E 201 -31.97 -32.46 -30.58
C GLY E 201 -32.65 -33.56 -29.81
N LEU E 202 -33.15 -33.28 -28.60
CA LEU E 202 -33.83 -34.27 -27.78
C LEU E 202 -35.33 -34.10 -27.74
N SER E 203 -35.85 -32.93 -28.12
CA SER E 203 -37.29 -32.62 -28.14
C SER E 203 -37.81 -32.71 -26.71
N SER E 204 -38.96 -33.34 -26.48
CA SER E 204 -39.55 -33.45 -25.14
C SER E 204 -39.70 -34.91 -24.77
N PRO E 205 -38.75 -35.49 -24.02
CA PRO E 205 -38.87 -36.90 -23.64
C PRO E 205 -39.97 -37.15 -22.62
N VAL E 206 -40.08 -38.39 -22.17
CA VAL E 206 -41.06 -38.77 -21.16
C VAL E 206 -40.34 -39.55 -20.06
N THR E 207 -40.64 -39.20 -18.81
CA THR E 207 -40.10 -39.88 -17.63
C THR E 207 -41.24 -40.02 -16.63
N LYS E 208 -41.95 -41.15 -16.71
CA LYS E 208 -43.10 -41.42 -15.85
C LYS E 208 -42.71 -42.51 -14.86
N SER E 209 -42.51 -42.14 -13.60
CA SER E 209 -42.15 -43.09 -12.58
C SER E 209 -43.35 -43.96 -12.20
N PHE E 210 -43.09 -45.25 -12.01
CA PHE E 210 -44.12 -46.16 -11.56
C PHE E 210 -44.54 -45.80 -10.14
N ASN E 211 -45.83 -45.93 -9.86
CA ASN E 211 -46.36 -45.54 -8.54
C ASN E 211 -45.74 -46.42 -7.46
N ARG E 212 -45.20 -45.78 -6.43
CA ARG E 212 -44.49 -46.50 -5.38
C ARG E 212 -45.47 -46.95 -4.30
N GLY E 213 -45.12 -48.07 -3.66
CA GLY E 213 -45.95 -48.63 -2.61
C GLY E 213 -47.26 -49.18 -3.12
#